data_4JGW
#
_entry.id   4JGW
#
_cell.length_a   70.930
_cell.length_b   75.620
_cell.length_c   101.330
_cell.angle_alpha   90.00
_cell.angle_beta   98.15
_cell.angle_gamma   90.00
#
_symmetry.space_group_name_H-M   'P 1 21 1'
#
loop_
_entity.id
_entity.type
_entity.pdbx_description
1 polymer 'Ral guanine nucleotide dissociation stimulator-like 2'
2 water water
#
_entity_poly.entity_id   1
_entity_poly.type   'polypeptide(L)'
_entity_poly.pdbx_seq_one_letter_code
;GPLGSPNSEEEASVSVWDEEEDGATFTVTSRQYRPLDPLAPLPPPRSSRRLRAGTLEALVRHLLDARTAGADMMFTPALL
ATHRAFTSTPALFGLVADRLEALESYPPGELERTTGVAISVLSTWLASHPEDFGSEVKGQLDRLESFLLRTGYAAREGVV
GGSADLIRNLRARVDPRAPDLPKPLALPGDSPADPTDVLVFLADHLAEQLTLLDAELFLNLIPSQCLGGLWGHRDRPGHS
HLCPSVRATVTQFNKVAGAVVSSVLGATSIGEGPREVTVRPLRPPQRARLLEKWIRVAEECRLLRNFSSVYAVVSALQSS
PIHRLRAAWGETTRDSLRVFSSLCQIFSEEDNYSQSRELLTQEVKPQPPVEPHSKKAPRSGFRGGGVVPYLGTFLKDLVM
LDAASKDELENGYINFDKRRKEFAILSELLRLQKECRGYDLRPNSDIQQWLQGLQPLTEAQSHRVSCEVEPPG
;
_entity_poly.pdbx_strand_id   A,B
#
# COMPACT_ATOMS: atom_id res chain seq x y z
N GLU A 9 43.71 13.88 15.12
CA GLU A 9 43.32 13.41 13.76
C GLU A 9 43.83 14.33 12.64
N GLU A 10 44.30 15.51 13.04
CA GLU A 10 44.89 16.46 12.10
C GLU A 10 46.35 16.09 11.83
N GLU A 11 46.69 15.90 10.56
CA GLU A 11 48.04 15.47 10.18
C GLU A 11 48.99 16.64 9.93
N ALA A 12 50.29 16.38 10.10
CA ALA A 12 51.32 17.39 9.93
C ALA A 12 52.25 17.07 8.75
N SER A 13 52.43 15.78 8.46
CA SER A 13 53.34 15.32 7.41
C SER A 13 52.97 13.93 6.88
N VAL A 14 53.14 13.73 5.59
CA VAL A 14 52.95 12.43 4.93
C VAL A 14 54.09 12.15 3.95
N SER A 15 54.79 11.05 4.17
CA SER A 15 55.90 10.63 3.29
C SER A 15 55.58 9.32 2.59
N VAL A 16 55.79 9.29 1.28
CA VAL A 16 55.50 8.11 0.46
C VAL A 16 56.70 7.75 -0.43
N TRP A 17 57.16 6.51 -0.33
CA TRP A 17 58.24 6.01 -1.17
C TRP A 17 58.08 4.53 -1.52
N ASP A 18 58.81 4.08 -2.55
CA ASP A 18 58.75 2.69 -2.99
C ASP A 18 60.01 1.91 -2.62
N GLU A 19 59.82 0.64 -2.28
CA GLU A 19 60.90 -0.26 -1.92
C GLU A 19 60.82 -1.56 -2.72
N GLU A 20 61.98 -2.08 -3.11
CA GLU A 20 62.05 -3.31 -3.89
C GLU A 20 62.54 -4.49 -3.04
N GLU A 21 61.94 -5.65 -3.25
CA GLU A 21 62.38 -6.89 -2.59
C GLU A 21 62.56 -7.99 -3.65
N ASP A 22 63.10 -9.12 -3.20
CA ASP A 22 63.44 -10.26 -4.08
C ASP A 22 62.65 -10.29 -5.39
N GLY A 23 61.33 -10.51 -5.28
CA GLY A 23 60.45 -10.53 -6.44
C GLY A 23 59.15 -9.78 -6.23
N ALA A 24 59.24 -8.62 -5.57
CA ALA A 24 58.07 -7.82 -5.22
C ALA A 24 58.40 -6.33 -5.08
N THR A 25 57.39 -5.49 -5.31
CA THR A 25 57.50 -4.04 -5.12
C THR A 25 56.49 -3.58 -4.06
N PHE A 26 57.00 -2.84 -3.08
CA PHE A 26 56.18 -2.34 -1.98
C PHE A 26 56.11 -0.82 -1.99
N THR A 27 55.04 -0.28 -1.43
CA THR A 27 54.92 1.15 -1.19
C THR A 27 54.79 1.41 0.31
N VAL A 28 55.75 2.14 0.86
CA VAL A 28 55.71 2.54 2.26
C VAL A 28 55.11 3.94 2.37
N THR A 29 54.15 4.08 3.28
CA THR A 29 53.55 5.36 3.59
C THR A 29 53.72 5.65 5.08
N SER A 30 54.18 6.85 5.39
CA SER A 30 54.36 7.26 6.78
C SER A 30 53.65 8.58 7.04
N ARG A 31 52.62 8.53 7.89
CA ARG A 31 51.80 9.69 8.19
C ARG A 31 52.00 10.15 9.62
N GLN A 32 52.51 11.37 9.78
CA GLN A 32 52.70 11.97 11.10
C GLN A 32 51.50 12.84 11.45
N TYR A 33 50.82 12.48 12.53
CA TYR A 33 49.68 13.24 13.02
C TYR A 33 50.08 14.13 14.19
N ARG A 34 49.36 15.23 14.36
CA ARG A 34 49.53 16.10 15.52
C ARG A 34 48.97 15.41 16.75
N PRO A 35 49.62 15.58 17.92
CA PRO A 35 49.13 14.95 19.15
C PRO A 35 47.82 15.60 19.62
N LEU A 36 46.98 14.81 20.30
CA LEU A 36 45.69 15.30 20.79
C LEU A 36 45.92 16.47 21.75
N ASP A 37 46.86 16.31 22.67
CA ASP A 37 47.37 17.41 23.48
C ASP A 37 48.39 18.16 22.61
N PRO A 38 48.06 19.41 22.21
CA PRO A 38 48.91 20.19 21.30
C PRO A 38 50.32 20.46 21.81
N LEU A 39 50.53 20.31 23.12
CA LEU A 39 51.82 20.59 23.75
C LEU A 39 52.65 19.33 24.00
N ALA A 40 52.00 18.17 23.84
CA ALA A 40 52.65 16.87 24.04
C ALA A 40 53.71 16.59 22.98
N PRO A 41 54.65 15.67 23.28
CA PRO A 41 55.61 15.24 22.27
C PRO A 41 54.91 14.48 21.13
N LEU A 42 55.47 14.58 19.93
CA LEU A 42 54.86 13.98 18.75
C LEU A 42 54.61 12.47 18.92
N PRO A 43 53.39 12.01 18.61
CA PRO A 43 53.09 10.59 18.66
C PRO A 43 53.87 9.84 17.58
N PRO A 44 54.03 8.51 17.72
CA PRO A 44 54.68 7.75 16.66
C PRO A 44 53.87 7.83 15.36
N PRO A 45 54.56 7.95 14.21
CA PRO A 45 53.86 8.02 12.92
C PRO A 45 53.13 6.73 12.58
N ARG A 46 51.96 6.86 11.94
CA ARG A 46 51.21 5.70 11.45
C ARG A 46 51.73 5.32 10.07
N SER A 47 52.05 4.04 9.90
CA SER A 47 52.63 3.58 8.64
C SER A 47 51.89 2.40 8.01
N SER A 48 52.11 2.21 6.71
CA SER A 48 51.68 1.03 6.00
C SER A 48 52.72 0.67 4.96
N ARG A 49 52.98 -0.63 4.81
CA ARG A 49 53.85 -1.14 3.77
C ARG A 49 53.07 -2.16 2.95
N ARG A 50 52.57 -1.71 1.80
CA ARG A 50 51.63 -2.52 1.01
C ARG A 50 52.25 -3.03 -0.29
N LEU A 51 52.09 -4.33 -0.54
CA LEU A 51 52.57 -4.95 -1.77
C LEU A 51 51.78 -4.42 -2.97
N ARG A 52 52.52 -3.97 -3.98
CA ARG A 52 51.94 -3.40 -5.20
C ARG A 52 51.94 -4.41 -6.34
N ALA A 53 53.06 -5.11 -6.49
CA ALA A 53 53.23 -6.13 -7.52
C ALA A 53 54.31 -7.11 -7.10
N GLY A 54 54.20 -8.35 -7.57
CA GLY A 54 55.19 -9.37 -7.26
C GLY A 54 54.86 -10.71 -7.88
N THR A 55 55.84 -11.62 -7.82
CA THR A 55 55.65 -12.99 -8.30
C THR A 55 54.69 -13.72 -7.37
N LEU A 56 54.10 -14.81 -7.88
CA LEU A 56 53.19 -15.64 -7.11
C LEU A 56 53.86 -16.15 -5.82
N GLU A 57 55.16 -16.44 -5.92
CA GLU A 57 55.96 -16.87 -4.78
C GLU A 57 56.14 -15.74 -3.76
N ALA A 58 56.31 -14.52 -4.27
CA ALA A 58 56.49 -13.33 -3.42
C ALA A 58 55.18 -12.94 -2.73
N LEU A 59 54.06 -13.17 -3.40
CA LEU A 59 52.75 -12.94 -2.81
C LEU A 59 52.54 -13.82 -1.58
N VAL A 60 52.99 -15.07 -1.67
CA VAL A 60 52.86 -16.04 -0.58
C VAL A 60 53.79 -15.71 0.59
N ARG A 61 54.99 -15.19 0.29
CA ARG A 61 55.92 -14.73 1.33
C ARG A 61 55.30 -13.59 2.14
N HIS A 62 54.70 -12.64 1.42
CA HIS A 62 54.00 -11.51 2.03
C HIS A 62 52.74 -11.99 2.78
N LEU A 63 52.07 -12.99 2.22
CA LEU A 63 50.89 -13.60 2.83
C LEU A 63 51.18 -14.15 4.23
N LEU A 64 52.33 -14.82 4.36
CA LEU A 64 52.67 -15.54 5.59
C LEU A 64 53.58 -14.73 6.53
N ASP A 65 53.77 -13.46 6.19
CA ASP A 65 54.51 -12.53 7.05
C ASP A 65 53.59 -12.00 8.15
N ALA A 66 54.05 -12.11 9.39
CA ALA A 66 53.26 -11.71 10.56
C ALA A 66 52.91 -10.22 10.60
N ARG A 67 53.73 -9.40 9.94
CA ARG A 67 53.56 -7.95 9.92
C ARG A 67 52.49 -7.48 8.93
N THR A 68 52.20 -8.33 7.93
CA THR A 68 51.29 -7.96 6.84
C THR A 68 49.89 -7.56 7.30
N ALA A 69 49.37 -8.24 8.32
CA ALA A 69 48.04 -7.95 8.86
C ALA A 69 47.92 -6.51 9.37
N GLY A 70 49.01 -5.99 9.94
CA GLY A 70 49.03 -4.63 10.46
C GLY A 70 49.47 -3.58 9.45
N ALA A 71 50.33 -3.96 8.52
CA ALA A 71 50.94 -3.00 7.58
C ALA A 71 50.28 -2.98 6.20
N ASP A 72 49.48 -4.00 5.90
CA ASP A 72 48.83 -4.14 4.60
C ASP A 72 47.53 -4.93 4.80
N MET A 73 46.54 -4.28 5.42
CA MET A 73 45.33 -4.98 5.87
C MET A 73 44.42 -5.52 4.77
N MET A 74 44.46 -4.92 3.58
CA MET A 74 43.65 -5.41 2.46
C MET A 74 44.24 -6.65 1.79
N PHE A 75 45.55 -6.85 1.94
CA PHE A 75 46.27 -7.86 1.16
C PHE A 75 45.72 -9.28 1.29
N THR A 76 45.63 -9.76 2.53
CA THR A 76 45.20 -11.14 2.82
C THR A 76 43.79 -11.46 2.29
N PRO A 77 42.77 -10.64 2.66
CA PRO A 77 41.44 -10.96 2.13
C PRO A 77 41.31 -10.77 0.62
N ALA A 78 42.00 -9.78 0.07
CA ALA A 78 42.00 -9.53 -1.37
C ALA A 78 42.61 -10.69 -2.16
N LEU A 79 43.77 -11.19 -1.70
CA LEU A 79 44.43 -12.30 -2.36
C LEU A 79 43.56 -13.56 -2.30
N LEU A 80 43.05 -13.86 -1.11
CA LEU A 80 42.22 -15.05 -0.89
C LEU A 80 40.92 -15.01 -1.71
N ALA A 81 40.38 -13.81 -1.90
CA ALA A 81 39.13 -13.64 -2.64
C ALA A 81 39.30 -13.66 -4.16
N THR A 82 40.43 -13.15 -4.64
CA THR A 82 40.65 -12.96 -6.08
C THR A 82 41.59 -13.99 -6.73
N HIS A 83 42.20 -14.87 -5.93
CA HIS A 83 43.28 -15.75 -6.42
C HIS A 83 42.92 -16.63 -7.62
N ARG A 84 41.65 -17.04 -7.70
CA ARG A 84 41.20 -17.92 -8.78
C ARG A 84 41.17 -17.23 -10.15
N ALA A 85 41.37 -15.91 -10.15
CA ALA A 85 41.43 -15.14 -11.40
C ALA A 85 42.79 -15.25 -12.09
N PHE A 86 43.84 -15.50 -11.31
CA PHE A 86 45.21 -15.55 -11.86
C PHE A 86 46.00 -16.81 -11.50
N THR A 87 45.56 -17.53 -10.47
CA THR A 87 46.15 -18.82 -10.10
C THR A 87 45.03 -19.83 -9.79
N SER A 88 45.34 -20.88 -9.04
CA SER A 88 44.30 -21.81 -8.59
C SER A 88 44.45 -22.13 -7.12
N THR A 89 43.37 -22.63 -6.52
CA THR A 89 43.35 -23.01 -5.10
C THR A 89 44.40 -24.08 -4.73
N PRO A 90 44.52 -25.16 -5.53
CA PRO A 90 45.58 -26.11 -5.21
C PRO A 90 46.99 -25.54 -5.42
N ALA A 91 47.13 -24.66 -6.40
CA ALA A 91 48.41 -24.00 -6.67
C ALA A 91 48.83 -23.08 -5.53
N LEU A 92 47.87 -22.31 -4.99
CA LEU A 92 48.14 -21.40 -3.87
C LEU A 92 48.42 -22.17 -2.58
N PHE A 93 47.60 -23.20 -2.32
CA PHE A 93 47.78 -24.09 -1.18
C PHE A 93 49.15 -24.75 -1.22
N GLY A 94 49.56 -25.19 -2.41
CA GLY A 94 50.87 -25.81 -2.62
C GLY A 94 52.03 -24.89 -2.31
N LEU A 95 51.92 -23.63 -2.74
CA LEU A 95 52.96 -22.62 -2.49
C LEU A 95 53.04 -22.21 -1.02
N VAL A 96 51.92 -22.30 -0.31
CA VAL A 96 51.89 -22.10 1.14
C VAL A 96 52.65 -23.26 1.81
N ALA A 97 52.35 -24.48 1.39
CA ALA A 97 53.04 -25.68 1.86
C ALA A 97 54.53 -25.67 1.48
N ASP A 98 54.83 -25.11 0.30
CA ASP A 98 56.22 -24.90 -0.12
C ASP A 98 56.97 -24.00 0.84
N ARG A 99 56.37 -22.83 1.12
CA ARG A 99 56.97 -21.82 1.99
C ARG A 99 57.24 -22.35 3.40
N LEU A 100 56.31 -23.14 3.91
CA LEU A 100 56.46 -23.75 5.24
C LEU A 100 57.57 -24.80 5.27
N GLU A 101 57.69 -25.57 4.18
CA GLU A 101 58.71 -26.60 4.06
C GLU A 101 60.13 -26.03 3.96
N ALA A 102 60.27 -24.93 3.25
CA ALA A 102 61.56 -24.25 3.12
C ALA A 102 61.93 -23.49 4.41
N LEU A 103 61.13 -23.68 5.44
CA LEU A 103 61.28 -22.96 6.69
C LEU A 103 61.40 -23.93 7.88
N GLU A 104 61.54 -25.21 7.58
CA GLU A 104 61.69 -26.25 8.60
C GLU A 104 63.04 -26.25 9.29
N SER A 105 64.07 -25.74 8.61
CA SER A 105 65.42 -25.65 9.17
C SER A 105 65.63 -24.40 10.01
N TYR A 106 64.67 -23.48 9.96
CA TYR A 106 64.72 -22.21 10.70
C TYR A 106 64.61 -22.42 12.22
N PRO A 107 65.12 -21.46 13.01
CA PRO A 107 65.00 -21.52 14.48
C PRO A 107 63.55 -21.55 14.95
N PRO A 108 63.26 -22.32 16.02
CA PRO A 108 61.91 -22.58 16.53
C PRO A 108 61.00 -21.35 16.68
N GLY A 109 61.59 -20.21 17.03
CA GLY A 109 60.84 -18.96 17.18
C GLY A 109 60.23 -18.44 15.88
N GLU A 110 61.01 -18.49 14.81
CA GLU A 110 60.55 -18.06 13.49
C GLU A 110 59.61 -19.07 12.84
N LEU A 111 59.88 -20.35 13.07
CA LEU A 111 59.07 -21.44 12.53
C LEU A 111 57.65 -21.39 13.08
N GLU A 112 57.54 -21.27 14.41
CA GLU A 112 56.25 -21.25 15.11
C GLU A 112 55.41 -20.02 14.74
N ARG A 113 56.09 -18.89 14.55
CA ARG A 113 55.45 -17.63 14.18
C ARG A 113 54.78 -17.74 12.80
N THR A 114 55.55 -18.13 11.79
CA THR A 114 55.05 -18.23 10.41
C THR A 114 54.00 -19.33 10.27
N THR A 115 54.22 -20.46 10.96
CA THR A 115 53.23 -21.53 11.01
C THR A 115 51.92 -21.02 11.60
N GLY A 116 52.03 -20.18 12.62
CA GLY A 116 50.87 -19.52 13.23
C GLY A 116 50.14 -18.61 12.26
N VAL A 117 50.89 -17.87 11.45
CA VAL A 117 50.30 -17.02 10.42
C VAL A 117 49.61 -17.89 9.35
N ALA A 118 50.27 -18.98 8.97
CA ALA A 118 49.72 -19.92 7.98
C ALA A 118 48.40 -20.54 8.45
N ILE A 119 48.38 -21.01 9.71
CA ILE A 119 47.16 -21.54 10.33
C ILE A 119 46.05 -20.49 10.32
N SER A 120 46.40 -19.26 10.69
CA SER A 120 45.46 -18.14 10.71
C SER A 120 44.91 -17.80 9.32
N VAL A 121 45.80 -17.77 8.32
CA VAL A 121 45.42 -17.48 6.94
C VAL A 121 44.52 -18.58 6.35
N LEU A 122 44.90 -19.84 6.60
CA LEU A 122 44.14 -20.99 6.09
C LEU A 122 42.76 -21.11 6.76
N SER A 123 42.68 -20.74 8.04
CA SER A 123 41.40 -20.72 8.74
C SER A 123 40.48 -19.64 8.19
N THR A 124 41.03 -18.44 7.97
CA THR A 124 40.28 -17.35 7.35
C THR A 124 39.81 -17.73 5.94
N TRP A 125 40.73 -18.31 5.16
CA TRP A 125 40.43 -18.78 3.80
C TRP A 125 39.28 -19.80 3.78
N LEU A 126 39.36 -20.78 4.68
CA LEU A 126 38.34 -21.82 4.76
C LEU A 126 36.99 -21.28 5.24
N ALA A 127 37.04 -20.38 6.23
CA ALA A 127 35.84 -19.74 6.76
C ALA A 127 35.17 -18.82 5.72
N SER A 128 35.99 -18.03 5.01
CA SER A 128 35.50 -17.11 3.99
C SER A 128 35.04 -17.82 2.72
N HIS A 129 35.84 -18.77 2.24
CA HIS A 129 35.56 -19.44 0.97
C HIS A 129 35.66 -20.97 1.10
N PRO A 130 34.68 -21.61 1.77
CA PRO A 130 34.73 -23.06 1.95
C PRO A 130 34.63 -23.85 0.64
N GLU A 131 33.98 -23.27 -0.36
CA GLU A 131 33.76 -23.92 -1.66
C GLU A 131 35.06 -24.09 -2.47
N ASP A 132 36.11 -23.36 -2.08
CA ASP A 132 37.41 -23.47 -2.72
C ASP A 132 38.07 -24.83 -2.48
N PHE A 133 37.78 -25.41 -1.33
CA PHE A 133 38.41 -26.66 -0.90
C PHE A 133 37.56 -27.89 -1.21
N GLY A 134 38.17 -28.88 -1.86
CA GLY A 134 37.50 -30.13 -2.20
C GLY A 134 38.46 -31.29 -2.31
N SER A 135 38.28 -32.10 -3.35
CA SER A 135 39.10 -33.27 -3.59
C SER A 135 40.45 -32.91 -4.23
N GLU A 136 40.47 -31.78 -4.94
CA GLU A 136 41.65 -31.32 -5.67
C GLU A 136 42.81 -30.90 -4.78
N VAL A 137 42.52 -30.56 -3.53
CA VAL A 137 43.55 -30.13 -2.58
C VAL A 137 43.97 -31.23 -1.60
N LYS A 138 43.73 -32.48 -1.98
CA LYS A 138 44.03 -33.63 -1.13
C LYS A 138 45.52 -33.79 -0.83
N GLY A 139 46.34 -33.70 -1.88
CA GLY A 139 47.79 -33.83 -1.75
C GLY A 139 48.42 -32.70 -0.95
N GLN A 140 47.92 -31.49 -1.15
CA GLN A 140 48.39 -30.30 -0.43
C GLN A 140 48.00 -30.35 1.05
N LEU A 141 46.88 -30.99 1.34
CA LEU A 141 46.41 -31.18 2.71
C LEU A 141 47.35 -32.12 3.47
N ASP A 142 47.70 -33.24 2.83
CA ASP A 142 48.66 -34.21 3.38
C ASP A 142 50.03 -33.57 3.53
N ARG A 143 50.38 -32.70 2.58
CA ARG A 143 51.61 -31.92 2.60
C ARG A 143 51.65 -31.00 3.82
N LEU A 144 50.49 -30.47 4.21
CA LEU A 144 50.39 -29.56 5.35
C LEU A 144 50.44 -30.29 6.70
N GLU A 145 49.61 -31.32 6.86
CA GLU A 145 49.50 -32.01 8.15
C GLU A 145 50.70 -32.88 8.49
N SER A 146 51.44 -33.31 7.47
CA SER A 146 52.71 -34.01 7.68
C SER A 146 53.78 -33.04 8.15
N PHE A 147 53.69 -31.79 7.70
CA PHE A 147 54.60 -30.73 8.13
C PHE A 147 54.40 -30.36 9.60
N LEU A 148 53.14 -30.35 10.02
CA LEU A 148 52.77 -29.98 11.39
C LEU A 148 53.20 -31.01 12.42
N LEU A 149 53.02 -32.29 12.09
CA LEU A 149 53.42 -33.40 12.96
C LEU A 149 54.94 -33.57 13.00
N ARG A 150 55.58 -33.26 11.89
CA ARG A 150 57.04 -33.34 11.75
C ARG A 150 57.74 -32.26 12.59
N THR A 151 57.12 -31.10 12.69
CA THR A 151 57.67 -29.99 13.47
C THR A 151 57.19 -30.00 14.92
N GLY A 152 56.15 -30.79 15.19
CA GLY A 152 55.58 -30.92 16.53
C GLY A 152 54.83 -29.67 16.98
N TYR A 153 54.03 -29.11 16.07
CA TYR A 153 53.27 -27.90 16.35
C TYR A 153 52.03 -28.20 17.18
N SER A 163 45.26 -25.43 15.43
CA SER A 163 45.68 -26.10 14.21
C SER A 163 44.99 -27.45 14.03
N ALA A 164 44.70 -28.11 15.16
CA ALA A 164 44.01 -29.40 15.15
C ALA A 164 42.62 -29.30 14.52
N ASP A 165 41.89 -28.24 14.88
CA ASP A 165 40.56 -27.99 14.33
C ASP A 165 40.58 -27.62 12.85
N LEU A 166 41.65 -26.96 12.43
CA LEU A 166 41.82 -26.56 11.03
C LEU A 166 41.93 -27.77 10.10
N ILE A 167 42.74 -28.75 10.49
CA ILE A 167 42.93 -29.98 9.72
C ILE A 167 41.60 -30.75 9.62
N ARG A 168 40.92 -30.89 10.75
CA ARG A 168 39.61 -31.55 10.81
C ARG A 168 38.58 -30.89 9.90
N ASN A 169 38.55 -29.56 9.93
CA ASN A 169 37.65 -28.78 9.07
C ASN A 169 38.01 -28.86 7.59
N LEU A 170 39.30 -28.95 7.30
CA LEU A 170 39.78 -29.11 5.92
C LEU A 170 39.56 -30.54 5.41
N ARG A 171 39.56 -31.51 6.32
CA ARG A 171 39.29 -32.91 5.99
C ARG A 171 37.86 -33.11 5.49
N ALA A 172 36.91 -32.48 6.18
CA ALA A 172 35.48 -32.57 5.85
C ALA A 172 35.19 -32.14 4.41
N ARG A 173 36.02 -31.23 3.89
CA ARG A 173 35.89 -30.75 2.52
C ARG A 173 37.10 -31.16 1.68
N ASP A 190 -0.77 -30.36 -13.51
CA ASP A 190 0.55 -30.60 -14.08
C ASP A 190 0.79 -29.81 -15.37
N SER A 191 -0.28 -29.21 -15.90
CA SER A 191 -0.23 -28.41 -17.11
C SER A 191 0.50 -27.07 -16.88
N PRO A 192 1.05 -26.46 -17.95
CA PRO A 192 1.73 -25.16 -17.83
C PRO A 192 0.83 -24.09 -17.23
N ALA A 193 1.40 -23.29 -16.32
CA ALA A 193 0.66 -22.24 -15.62
C ALA A 193 0.23 -21.13 -16.57
N ASP A 194 -0.96 -20.59 -16.34
CA ASP A 194 -1.46 -19.44 -17.07
C ASP A 194 -0.66 -18.21 -16.64
N PRO A 195 0.09 -17.62 -17.58
CA PRO A 195 0.90 -16.44 -17.24
C PRO A 195 0.07 -15.24 -16.78
N THR A 196 -1.16 -15.13 -17.30
CA THR A 196 -2.07 -14.04 -16.93
C THR A 196 -2.63 -14.17 -15.51
N ASP A 197 -2.33 -15.28 -14.83
CA ASP A 197 -2.76 -15.50 -13.44
C ASP A 197 -2.01 -14.65 -12.42
N VAL A 198 -1.07 -13.84 -12.89
CA VAL A 198 -0.41 -12.84 -12.06
C VAL A 198 -1.46 -11.93 -11.39
N LEU A 199 -2.59 -11.78 -12.06
CA LEU A 199 -3.73 -10.97 -11.58
C LEU A 199 -4.41 -11.56 -10.36
N VAL A 200 -4.30 -12.89 -10.20
CA VAL A 200 -4.98 -13.63 -9.14
C VAL A 200 -4.35 -13.43 -7.74
N PHE A 201 -3.07 -13.05 -7.72
CA PHE A 201 -2.37 -12.81 -6.46
C PHE A 201 -2.21 -11.33 -6.19
N LEU A 202 -2.06 -10.96 -4.92
CA LEU A 202 -1.80 -9.58 -4.54
C LEU A 202 -0.37 -9.18 -4.89
N ALA A 203 -0.20 -7.93 -5.32
CA ALA A 203 1.08 -7.45 -5.86
C ALA A 203 2.22 -7.47 -4.84
N ASP A 204 1.93 -7.07 -3.61
CA ASP A 204 2.91 -7.11 -2.53
C ASP A 204 3.35 -8.54 -2.21
N HIS A 205 2.42 -9.49 -2.29
CA HIS A 205 2.73 -10.90 -2.09
C HIS A 205 3.63 -11.44 -3.18
N LEU A 206 3.35 -11.05 -4.43
CA LEU A 206 4.16 -11.44 -5.57
C LEU A 206 5.59 -10.93 -5.42
N ALA A 207 5.71 -9.66 -5.06
CA ALA A 207 7.02 -9.03 -4.82
C ALA A 207 7.79 -9.75 -3.72
N GLU A 208 7.12 -10.01 -2.59
CA GLU A 208 7.71 -10.75 -1.47
C GLU A 208 8.22 -12.13 -1.90
N GLN A 209 7.47 -12.76 -2.80
CA GLN A 209 7.79 -14.10 -3.26
C GLN A 209 8.92 -14.09 -4.28
N LEU A 210 8.93 -13.07 -5.14
CA LEU A 210 10.04 -12.86 -6.07
C LEU A 210 11.33 -12.54 -5.30
N THR A 211 11.20 -11.77 -4.22
CA THR A 211 12.33 -11.39 -3.38
C THR A 211 12.91 -12.57 -2.61
N LEU A 212 12.05 -13.47 -2.14
CA LEU A 212 12.50 -14.69 -1.47
C LEU A 212 13.41 -15.53 -2.36
N LEU A 213 13.02 -15.68 -3.62
CA LEU A 213 13.81 -16.43 -4.60
C LEU A 213 15.11 -15.69 -4.95
N ASP A 214 15.01 -14.38 -5.18
CA ASP A 214 16.16 -13.54 -5.49
C ASP A 214 17.16 -13.47 -4.34
N ALA A 215 16.65 -13.36 -3.11
CA ALA A 215 17.48 -13.21 -1.92
C ALA A 215 18.36 -14.43 -1.66
N GLU A 216 17.77 -15.62 -1.70
CA GLU A 216 18.52 -16.85 -1.43
C GLU A 216 19.59 -17.13 -2.48
N LEU A 217 19.31 -16.75 -3.73
CA LEU A 217 20.31 -16.82 -4.80
C LEU A 217 21.44 -15.81 -4.58
N PHE A 218 21.09 -14.61 -4.13
CA PHE A 218 22.08 -13.58 -3.85
C PHE A 218 22.94 -13.96 -2.64
N LEU A 219 22.35 -14.66 -1.67
CA LEU A 219 23.07 -15.16 -0.51
C LEU A 219 24.00 -16.32 -0.86
N ASN A 220 23.60 -17.12 -1.84
CA ASN A 220 24.41 -18.23 -2.34
C ASN A 220 25.46 -17.81 -3.36
N LEU A 221 25.48 -16.52 -3.69
CA LEU A 221 26.44 -15.98 -4.65
C LEU A 221 27.87 -16.00 -4.11
N ILE A 222 28.76 -16.60 -4.89
CA ILE A 222 30.19 -16.54 -4.61
C ILE A 222 30.74 -15.32 -5.37
N PRO A 223 31.09 -14.24 -4.64
CA PRO A 223 31.47 -12.96 -5.24
C PRO A 223 32.64 -13.04 -6.22
N SER A 224 33.59 -13.94 -5.98
CA SER A 224 34.74 -14.12 -6.88
C SER A 224 34.34 -14.60 -8.28
N GLN A 225 33.20 -15.28 -8.37
CA GLN A 225 32.68 -15.72 -9.67
C GLN A 225 32.19 -14.56 -10.53
N CYS A 226 32.03 -13.39 -9.90
CA CYS A 226 31.65 -12.16 -10.61
C CYS A 226 32.83 -11.48 -11.32
N LEU A 227 34.05 -11.89 -11.00
CA LEU A 227 35.26 -11.25 -11.53
C LEU A 227 35.37 -11.37 -13.05
N GLY A 228 35.85 -10.30 -13.67
CA GLY A 228 36.02 -10.24 -15.13
C GLY A 228 36.82 -11.38 -15.72
N GLY A 229 37.85 -11.80 -14.99
CA GLY A 229 38.72 -12.90 -15.41
C GLY A 229 38.07 -14.28 -15.37
N LEU A 230 37.01 -14.41 -14.58
CA LEU A 230 36.27 -15.68 -14.49
C LEU A 230 34.96 -15.65 -15.25
N TRP A 231 34.14 -14.62 -15.01
CA TRP A 231 32.84 -14.47 -15.66
C TRP A 231 33.00 -13.99 -17.11
N LEU A 242 31.34 -22.78 -14.99
CA LEU A 242 32.43 -22.54 -14.05
C LEU A 242 32.10 -21.39 -13.09
N CYS A 243 30.96 -20.75 -13.31
CA CYS A 243 30.44 -19.72 -12.41
C CYS A 243 28.94 -19.94 -12.19
N PRO A 244 28.57 -21.03 -11.48
CA PRO A 244 27.17 -21.43 -11.37
C PRO A 244 26.31 -20.48 -10.53
N SER A 245 26.88 -19.91 -9.47
CA SER A 245 26.15 -19.04 -8.56
C SER A 245 25.76 -17.70 -9.21
N VAL A 246 26.57 -17.24 -10.16
CA VAL A 246 26.23 -16.07 -10.96
C VAL A 246 25.17 -16.43 -12.00
N ARG A 247 25.39 -17.56 -12.68
CA ARG A 247 24.45 -18.06 -13.70
C ARG A 247 23.04 -18.26 -13.15
N ALA A 248 22.94 -18.83 -11.94
CA ALA A 248 21.66 -19.08 -11.29
C ALA A 248 20.90 -17.79 -10.94
N THR A 249 21.64 -16.74 -10.61
CA THR A 249 21.07 -15.42 -10.34
C THR A 249 20.54 -14.79 -11.64
N VAL A 250 21.29 -14.95 -12.72
CA VAL A 250 20.93 -14.39 -14.03
C VAL A 250 19.74 -15.15 -14.63
N THR A 251 19.73 -16.46 -14.45
CA THR A 251 18.64 -17.32 -14.92
C THR A 251 17.30 -16.89 -14.32
N GLN A 252 17.27 -16.72 -12.99
CA GLN A 252 16.06 -16.27 -12.29
C GLN A 252 15.65 -14.87 -12.71
N PHE A 253 16.63 -13.98 -12.85
CA PHE A 253 16.38 -12.63 -13.38
C PHE A 253 15.68 -12.70 -14.73
N ASN A 254 16.18 -13.56 -15.62
CA ASN A 254 15.62 -13.74 -16.95
C ASN A 254 14.24 -14.40 -16.93
N LYS A 255 14.00 -15.29 -15.95
CA LYS A 255 12.70 -15.93 -15.76
C LYS A 255 11.62 -14.92 -15.36
N VAL A 256 11.99 -13.99 -14.49
CA VAL A 256 11.07 -12.94 -14.04
C VAL A 256 10.73 -12.00 -15.20
N ALA A 257 11.76 -11.54 -15.92
CA ALA A 257 11.59 -10.71 -17.11
C ALA A 257 10.79 -11.43 -18.18
N GLY A 258 11.04 -12.73 -18.32
CA GLY A 258 10.30 -13.57 -19.26
C GLY A 258 8.83 -13.70 -18.88
N ALA A 259 8.57 -13.86 -17.59
CA ALA A 259 7.21 -13.96 -17.07
C ALA A 259 6.38 -12.71 -17.38
N VAL A 260 7.01 -11.54 -17.27
CA VAL A 260 6.35 -10.26 -17.55
C VAL A 260 5.97 -10.16 -19.02
N VAL A 261 6.95 -10.39 -19.90
CA VAL A 261 6.73 -10.38 -21.35
C VAL A 261 5.63 -11.37 -21.73
N SER A 262 5.73 -12.60 -21.21
CA SER A 262 4.80 -13.68 -21.51
C SER A 262 3.36 -13.37 -21.10
N SER A 263 3.17 -12.86 -19.88
CA SER A 263 1.83 -12.59 -19.34
C SER A 263 1.16 -11.40 -20.01
N VAL A 264 1.93 -10.34 -20.25
CA VAL A 264 1.43 -9.15 -20.96
C VAL A 264 0.96 -9.54 -22.37
N LEU A 265 1.72 -10.41 -23.03
CA LEU A 265 1.34 -10.91 -24.35
C LEU A 265 0.29 -12.02 -24.28
N GLY A 266 0.02 -12.50 -23.06
CA GLY A 266 -0.96 -13.56 -22.82
C GLY A 266 -0.60 -14.86 -23.52
N ALA A 267 0.70 -15.10 -23.67
CA ALA A 267 1.20 -16.22 -24.45
C ALA A 267 1.93 -17.25 -23.60
N THR A 268 1.88 -18.50 -24.04
CA THR A 268 2.57 -19.60 -23.37
C THR A 268 3.48 -20.32 -24.36
N SER A 269 4.77 -20.38 -24.02
CA SER A 269 5.75 -21.07 -24.86
C SER A 269 5.63 -22.58 -24.69
N ILE A 270 5.11 -23.24 -25.72
CA ILE A 270 4.88 -24.69 -25.68
C ILE A 270 6.01 -25.47 -26.36
N GLY A 271 6.71 -24.81 -27.27
CA GLY A 271 7.84 -25.40 -27.99
C GLY A 271 9.09 -24.57 -27.82
N GLU A 272 10.03 -24.74 -28.77
CA GLU A 272 11.31 -24.02 -28.72
C GLU A 272 11.50 -23.09 -29.90
N GLY A 273 10.81 -23.38 -31.01
CA GLY A 273 10.89 -22.56 -32.21
C GLY A 273 10.17 -21.23 -32.06
N PRO A 274 10.43 -20.29 -33.00
CA PRO A 274 9.85 -18.94 -32.96
C PRO A 274 8.34 -18.92 -33.20
N ARG A 275 7.77 -20.03 -33.66
CA ARG A 275 6.36 -20.10 -34.03
C ARG A 275 5.51 -20.93 -33.06
N GLU A 276 6.16 -21.75 -32.24
CA GLU A 276 5.44 -22.65 -31.33
C GLU A 276 5.02 -21.96 -30.04
N VAL A 277 3.88 -21.27 -30.10
CA VAL A 277 3.29 -20.59 -28.95
C VAL A 277 1.77 -20.68 -28.98
N THR A 278 1.15 -20.61 -27.80
CA THR A 278 -0.30 -20.49 -27.68
C THR A 278 -0.64 -19.13 -27.07
N VAL A 279 -1.62 -18.46 -27.67
CA VAL A 279 -1.99 -17.10 -27.28
C VAL A 279 -3.45 -17.03 -26.84
N ARG A 280 -3.69 -16.31 -25.74
CA ARG A 280 -5.03 -16.06 -25.22
C ARG A 280 -5.55 -14.69 -25.68
N PRO A 281 -6.88 -14.56 -25.85
CA PRO A 281 -7.47 -13.30 -26.34
C PRO A 281 -7.40 -12.17 -25.31
N LEU A 282 -6.82 -11.04 -25.71
CA LEU A 282 -6.74 -9.87 -24.83
C LEU A 282 -7.02 -8.57 -25.58
N ARG A 283 -8.09 -7.90 -25.19
CA ARG A 283 -8.38 -6.55 -25.67
C ARG A 283 -7.44 -5.56 -24.99
N PRO A 284 -7.17 -4.42 -25.64
CA PRO A 284 -6.27 -3.40 -25.06
C PRO A 284 -6.56 -3.01 -23.60
N PRO A 285 -7.85 -2.84 -23.21
CA PRO A 285 -8.14 -2.58 -21.79
C PRO A 285 -7.76 -3.74 -20.87
N GLN A 286 -7.96 -4.97 -21.33
CA GLN A 286 -7.62 -6.17 -20.55
C GLN A 286 -6.10 -6.30 -20.37
N ARG A 287 -5.37 -6.02 -21.45
CA ARG A 287 -3.92 -6.10 -21.46
C ARG A 287 -3.29 -5.02 -20.60
N ALA A 288 -3.94 -3.85 -20.55
CA ALA A 288 -3.49 -2.74 -19.71
C ALA A 288 -3.52 -3.10 -18.23
N ARG A 289 -4.50 -3.91 -17.84
CA ARG A 289 -4.62 -4.38 -16.45
C ARG A 289 -3.43 -5.24 -16.04
N LEU A 290 -2.91 -6.01 -17.00
CA LEU A 290 -1.70 -6.81 -16.81
C LEU A 290 -0.46 -5.92 -16.71
N LEU A 291 -0.39 -4.90 -17.56
CA LEU A 291 0.68 -3.90 -17.49
C LEU A 291 0.69 -3.19 -16.14
N GLU A 292 -0.50 -2.71 -15.73
CA GLU A 292 -0.69 -2.05 -14.44
C GLU A 292 -0.31 -2.96 -13.28
N LYS A 293 -0.63 -4.25 -13.39
CA LYS A 293 -0.31 -5.24 -12.37
C LYS A 293 1.20 -5.41 -12.18
N TRP A 294 1.92 -5.57 -13.29
CA TRP A 294 3.37 -5.75 -13.25
C TRP A 294 4.10 -4.48 -12.81
N ILE A 295 3.57 -3.32 -13.20
CA ILE A 295 4.09 -2.02 -12.74
C ILE A 295 4.03 -1.95 -11.21
N ARG A 296 2.88 -2.36 -10.65
CA ARG A 296 2.67 -2.36 -9.21
C ARG A 296 3.56 -3.39 -8.51
N VAL A 297 3.75 -4.55 -9.13
CA VAL A 297 4.66 -5.57 -8.63
C VAL A 297 6.09 -5.04 -8.56
N ALA A 298 6.50 -4.33 -9.61
CA ALA A 298 7.81 -3.69 -9.66
C ALA A 298 7.94 -2.65 -8.55
N GLU A 299 6.86 -1.89 -8.32
CA GLU A 299 6.83 -0.89 -7.25
C GLU A 299 6.95 -1.53 -5.86
N GLU A 300 6.28 -2.67 -5.66
CA GLU A 300 6.35 -3.40 -4.39
C GLU A 300 7.72 -4.04 -4.16
N CYS A 301 8.37 -4.44 -5.25
CA CYS A 301 9.76 -4.91 -5.20
C CYS A 301 10.71 -3.80 -4.73
N ARG A 302 10.48 -2.58 -5.20
CA ARG A 302 11.30 -1.42 -4.84
C ARG A 302 11.17 -1.08 -3.36
N LEU A 303 9.95 -1.19 -2.84
CA LEU A 303 9.67 -0.94 -1.42
C LEU A 303 10.37 -1.97 -0.54
N LEU A 304 10.54 -3.18 -1.08
CA LEU A 304 11.28 -4.25 -0.42
C LEU A 304 12.78 -4.16 -0.70
N ARG A 305 13.17 -3.18 -1.50
CA ARG A 305 14.57 -2.98 -1.92
C ARG A 305 15.14 -4.15 -2.72
N ASN A 306 14.27 -4.82 -3.47
CA ASN A 306 14.69 -5.86 -4.41
C ASN A 306 14.86 -5.24 -5.80
N PHE A 307 16.02 -4.63 -6.00
CA PHE A 307 16.31 -3.91 -7.25
C PHE A 307 16.60 -4.85 -8.41
N SER A 308 16.88 -6.12 -8.10
CA SER A 308 17.04 -7.16 -9.12
C SER A 308 15.73 -7.39 -9.89
N SER A 309 14.64 -7.61 -9.16
CA SER A 309 13.34 -7.83 -9.80
C SER A 309 12.69 -6.55 -10.30
N VAL A 310 13.00 -5.41 -9.66
CA VAL A 310 12.60 -4.10 -10.20
C VAL A 310 13.12 -3.95 -11.62
N TYR A 311 14.40 -4.23 -11.82
CA TYR A 311 15.01 -4.14 -13.14
C TYR A 311 14.51 -5.20 -14.09
N ALA A 312 14.26 -6.41 -13.57
CA ALA A 312 13.73 -7.49 -14.37
C ALA A 312 12.39 -7.11 -15.00
N VAL A 313 11.51 -6.54 -14.18
CA VAL A 313 10.17 -6.15 -14.63
C VAL A 313 10.22 -4.92 -15.53
N VAL A 314 10.97 -3.89 -15.11
CA VAL A 314 11.05 -2.64 -15.85
C VAL A 314 11.70 -2.81 -17.23
N SER A 315 12.74 -3.64 -17.32
CA SER A 315 13.42 -3.90 -18.59
C SER A 315 12.54 -4.73 -19.53
N ALA A 316 11.77 -5.63 -18.94
CA ALA A 316 10.78 -6.41 -19.68
C ALA A 316 9.68 -5.52 -20.27
N LEU A 317 9.24 -4.53 -19.50
CA LEU A 317 8.21 -3.60 -19.93
C LEU A 317 8.71 -2.54 -20.92
N GLN A 318 10.03 -2.30 -20.91
CA GLN A 318 10.67 -1.37 -21.85
C GLN A 318 11.09 -2.08 -23.14
N SER A 319 11.09 -3.41 -23.09
CA SER A 319 11.50 -4.27 -24.19
C SER A 319 10.66 -4.01 -25.45
N SER A 320 11.28 -4.20 -26.62
CA SER A 320 10.65 -3.94 -27.91
C SER A 320 9.24 -4.54 -28.07
N PRO A 321 9.07 -5.86 -27.82
CA PRO A 321 7.73 -6.45 -28.00
C PRO A 321 6.66 -5.97 -27.01
N ILE A 322 7.06 -5.29 -25.94
CA ILE A 322 6.11 -4.75 -24.97
C ILE A 322 5.92 -3.24 -25.14
N HIS A 323 7.00 -2.55 -25.51
CA HIS A 323 6.96 -1.12 -25.82
C HIS A 323 6.03 -0.85 -27.01
N ARG A 324 6.05 -1.76 -27.98
CA ARG A 324 5.21 -1.71 -29.20
C ARG A 324 3.71 -1.55 -28.94
N LEU A 325 3.24 -2.10 -27.82
CA LEU A 325 1.81 -2.26 -27.56
C LEU A 325 1.15 -0.94 -27.16
N ARG A 326 1.03 -0.03 -28.13
CA ARG A 326 0.53 1.34 -27.89
C ARG A 326 -0.95 1.42 -27.54
N ALA A 327 -1.73 0.44 -27.99
CA ALA A 327 -3.14 0.37 -27.63
C ALA A 327 -3.29 -0.01 -26.16
N ALA A 328 -2.53 -1.02 -25.74
CA ALA A 328 -2.50 -1.47 -24.35
C ALA A 328 -1.97 -0.37 -23.43
N TRP A 329 -0.85 0.24 -23.79
CA TRP A 329 -0.28 1.36 -23.04
C TRP A 329 -1.25 2.55 -22.99
N GLY A 330 -1.98 2.75 -24.10
CA GLY A 330 -2.99 3.80 -24.19
C GLY A 330 -4.17 3.62 -23.25
N GLU A 331 -4.39 2.39 -22.80
CA GLU A 331 -5.46 2.08 -21.84
C GLU A 331 -4.98 2.06 -20.38
N THR A 332 -3.67 2.22 -20.19
CA THR A 332 -3.06 2.24 -18.86
C THR A 332 -3.36 3.57 -18.16
N THR A 333 -3.79 3.49 -16.89
CA THR A 333 -4.10 4.68 -16.10
C THR A 333 -2.88 5.57 -15.91
N ARG A 334 -3.11 6.88 -15.85
CA ARG A 334 -2.03 7.86 -15.75
C ARG A 334 -1.17 7.68 -14.50
N ASP A 335 -1.79 7.22 -13.41
CA ASP A 335 -1.08 6.98 -12.15
C ASP A 335 -0.04 5.87 -12.30
N SER A 336 -0.41 4.80 -13.01
CA SER A 336 0.49 3.68 -13.28
C SER A 336 1.64 4.07 -14.21
N LEU A 337 1.35 4.99 -15.14
CA LEU A 337 2.35 5.52 -16.07
C LEU A 337 3.42 6.35 -15.35
N ARG A 338 2.99 7.21 -14.42
CA ARG A 338 3.89 8.05 -13.64
C ARG A 338 4.78 7.23 -12.71
N VAL A 339 4.21 6.16 -12.13
CA VAL A 339 4.98 5.21 -11.33
C VAL A 339 6.02 4.49 -12.18
N PHE A 340 5.60 4.05 -13.38
CA PHE A 340 6.48 3.35 -14.30
C PHE A 340 7.65 4.20 -14.79
N SER A 341 7.38 5.47 -15.11
CA SER A 341 8.42 6.43 -15.48
C SER A 341 9.43 6.63 -14.36
N SER A 342 8.91 6.74 -13.14
CA SER A 342 9.72 6.87 -11.93
C SER A 342 10.61 5.64 -11.70
N LEU A 343 10.10 4.46 -12.07
CA LEU A 343 10.86 3.21 -11.98
C LEU A 343 11.91 3.11 -13.09
N CYS A 344 11.60 3.69 -14.24
CA CYS A 344 12.53 3.72 -15.37
C CYS A 344 13.75 4.59 -15.12
N GLN A 345 13.55 5.67 -14.37
CA GLN A 345 14.63 6.63 -14.07
C GLN A 345 15.61 6.14 -13.01
N ILE A 346 15.24 5.08 -12.29
CA ILE A 346 16.14 4.44 -11.32
C ILE A 346 17.29 3.74 -12.04
N PHE A 347 16.99 3.15 -13.20
CA PHE A 347 17.98 2.46 -14.01
C PHE A 347 18.20 3.16 -15.35
N SER A 356 20.27 4.01 -9.05
CA SER A 356 20.25 2.69 -8.44
C SER A 356 21.48 2.43 -7.58
N ARG A 357 22.62 3.01 -7.96
CA ARG A 357 23.87 2.87 -7.22
C ARG A 357 23.84 3.61 -5.89
N GLU A 358 23.18 4.77 -5.87
CA GLU A 358 23.05 5.59 -4.67
C GLU A 358 22.07 4.99 -3.66
N LEU A 359 21.08 4.25 -4.16
CA LEU A 359 20.07 3.60 -3.32
C LEU A 359 20.63 2.40 -2.56
N LEU A 360 21.73 1.83 -3.06
CA LEU A 360 22.42 0.73 -2.39
C LEU A 360 23.38 1.26 -1.33
N THR A 361 22.83 1.79 -0.24
CA THR A 361 23.62 2.33 0.86
C THR A 361 22.97 1.97 2.20
N GLY A 386 16.16 -5.68 4.59
CA GLY A 386 16.75 -6.49 3.52
C GLY A 386 17.03 -5.72 2.25
N VAL A 387 17.82 -6.32 1.36
CA VAL A 387 18.16 -5.74 0.06
C VAL A 387 18.59 -6.83 -0.93
N VAL A 388 18.22 -6.65 -2.20
CA VAL A 388 18.75 -7.48 -3.29
C VAL A 388 19.12 -6.57 -4.46
N PRO A 389 20.44 -6.44 -4.73
CA PRO A 389 20.87 -5.60 -5.83
C PRO A 389 20.69 -6.29 -7.18
N TYR A 390 20.57 -5.49 -8.24
CA TYR A 390 20.69 -5.99 -9.59
C TYR A 390 22.17 -6.27 -9.84
N LEU A 391 22.49 -7.55 -10.03
CA LEU A 391 23.87 -7.99 -10.13
C LEU A 391 24.59 -7.50 -11.39
N GLY A 392 23.82 -7.29 -12.46
CA GLY A 392 24.36 -6.86 -13.75
C GLY A 392 25.27 -5.65 -13.71
N THR A 393 24.97 -4.71 -12.82
CA THR A 393 25.78 -3.50 -12.63
C THR A 393 27.15 -3.83 -12.05
N PHE A 394 27.20 -4.80 -11.13
CA PHE A 394 28.46 -5.26 -10.54
C PHE A 394 29.25 -6.09 -11.55
N LEU A 395 28.55 -6.86 -12.37
CA LEU A 395 29.19 -7.66 -13.42
C LEU A 395 29.82 -6.74 -14.47
N LYS A 396 29.16 -5.64 -14.78
CA LYS A 396 29.64 -4.66 -15.74
C LYS A 396 30.88 -3.91 -15.23
N ASP A 397 30.81 -3.41 -14.00
CA ASP A 397 31.94 -2.72 -13.38
C ASP A 397 33.19 -3.60 -13.33
N LEU A 398 32.99 -4.89 -13.04
CA LEU A 398 34.08 -5.85 -12.98
C LEU A 398 34.64 -6.20 -14.35
N VAL A 399 33.81 -6.10 -15.38
CA VAL A 399 34.27 -6.26 -16.76
C VAL A 399 35.07 -5.03 -17.20
N MET A 400 34.57 -3.83 -16.87
CA MET A 400 35.29 -2.57 -17.13
C MET A 400 36.68 -2.60 -16.52
N LEU A 401 36.74 -2.98 -15.24
CA LEU A 401 37.98 -3.00 -14.48
C LEU A 401 38.98 -4.01 -15.04
N ASP A 402 38.48 -5.18 -15.42
CA ASP A 402 39.31 -6.23 -16.02
C ASP A 402 39.93 -5.78 -17.36
N ALA A 403 39.13 -5.07 -18.17
CA ALA A 403 39.60 -4.54 -19.44
C ALA A 403 40.59 -3.39 -19.26
N ALA A 404 40.37 -2.58 -18.23
CA ALA A 404 41.19 -1.39 -17.99
C ALA A 404 42.54 -1.68 -17.35
N SER A 405 42.59 -2.73 -16.53
CA SER A 405 43.79 -3.04 -15.75
C SER A 405 44.50 -4.30 -16.24
N LYS A 406 45.83 -4.25 -16.24
CA LYS A 406 46.66 -5.38 -16.69
C LYS A 406 46.77 -6.43 -15.60
N ASP A 407 46.75 -7.70 -16.00
CA ASP A 407 46.93 -8.82 -15.09
C ASP A 407 48.35 -8.84 -14.54
N GLU A 408 49.31 -8.79 -15.45
CA GLU A 408 50.72 -8.78 -15.11
C GLU A 408 51.40 -7.54 -15.66
N LEU A 409 52.46 -7.09 -14.98
CA LEU A 409 53.30 -6.02 -15.51
C LEU A 409 54.33 -6.63 -16.47
N GLU A 410 55.03 -5.78 -17.20
CA GLU A 410 56.03 -6.22 -18.19
C GLU A 410 57.03 -7.24 -17.63
N ASN A 411 57.48 -7.01 -16.40
CA ASN A 411 58.48 -7.87 -15.75
C ASN A 411 57.94 -9.24 -15.30
N GLY A 412 56.65 -9.47 -15.50
CA GLY A 412 56.01 -10.73 -15.12
C GLY A 412 55.37 -10.72 -13.74
N TYR A 413 55.50 -9.60 -13.03
CA TYR A 413 54.89 -9.41 -11.71
C TYR A 413 53.38 -9.34 -11.84
N ILE A 414 52.67 -10.03 -10.94
CA ILE A 414 51.21 -9.90 -10.85
C ILE A 414 50.88 -8.48 -10.37
N ASN A 415 50.08 -7.77 -11.16
CA ASN A 415 49.63 -6.43 -10.80
C ASN A 415 48.56 -6.51 -9.71
N PHE A 416 49.00 -6.44 -8.46
CA PHE A 416 48.08 -6.64 -7.33
C PHE A 416 47.11 -5.47 -7.11
N ASP A 417 47.49 -4.28 -7.59
CA ASP A 417 46.60 -3.12 -7.58
C ASP A 417 45.24 -3.47 -8.17
N LYS A 418 45.25 -4.18 -9.30
CA LYS A 418 44.04 -4.67 -9.95
C LYS A 418 43.18 -5.47 -8.98
N ARG A 419 43.83 -6.33 -8.20
CA ARG A 419 43.13 -7.24 -7.27
C ARG A 419 42.52 -6.50 -6.08
N ARG A 420 43.16 -5.40 -5.67
CA ARG A 420 42.64 -4.56 -4.60
C ARG A 420 41.36 -3.86 -5.03
N LYS A 421 41.38 -3.35 -6.27
CA LYS A 421 40.23 -2.68 -6.87
C LYS A 421 39.08 -3.66 -7.08
N GLU A 422 39.43 -4.91 -7.39
CA GLU A 422 38.45 -5.97 -7.50
C GLU A 422 37.83 -6.30 -6.13
N PHE A 423 38.68 -6.45 -5.12
CA PHE A 423 38.21 -6.71 -3.76
C PHE A 423 37.29 -5.61 -3.23
N ALA A 424 37.61 -4.35 -3.54
CA ALA A 424 36.76 -3.22 -3.17
C ALA A 424 35.31 -3.45 -3.59
N ILE A 425 35.12 -3.84 -4.85
CA ILE A 425 33.80 -4.14 -5.40
C ILE A 425 33.21 -5.38 -4.73
N LEU A 426 34.05 -6.39 -4.51
CA LEU A 426 33.61 -7.63 -3.87
C LEU A 426 33.13 -7.40 -2.44
N SER A 427 33.80 -6.50 -1.72
CA SER A 427 33.43 -6.18 -0.34
C SER A 427 32.08 -5.46 -0.26
N GLU A 428 31.76 -4.70 -1.30
CA GLU A 428 30.43 -4.08 -1.44
C GLU A 428 29.36 -5.16 -1.54
N LEU A 429 29.65 -6.20 -2.32
CA LEU A 429 28.76 -7.33 -2.50
C LEU A 429 28.60 -8.10 -1.19
N LEU A 430 29.70 -8.26 -0.46
CA LEU A 430 29.68 -8.90 0.86
C LEU A 430 28.82 -8.15 1.88
N ARG A 431 28.91 -6.81 1.87
CA ARG A 431 28.10 -6.00 2.78
C ARG A 431 26.63 -5.97 2.38
N LEU A 432 26.35 -6.16 1.09
CA LEU A 432 24.97 -6.24 0.62
C LEU A 432 24.37 -7.61 0.95
N GLN A 433 25.23 -8.63 1.04
CA GLN A 433 24.81 -9.96 1.43
C GLN A 433 24.37 -10.04 2.90
N LYS A 434 25.10 -9.38 3.79
CA LYS A 434 24.73 -9.38 5.22
C LYS A 434 23.46 -8.58 5.48
N GLU A 435 23.23 -7.53 4.68
CA GLU A 435 22.00 -6.76 4.76
C GLU A 435 20.82 -7.54 4.21
N CYS A 436 21.08 -8.35 3.18
CA CYS A 436 20.08 -9.25 2.59
C CYS A 436 19.56 -10.29 3.59
N ARG A 437 20.43 -10.70 4.52
CA ARG A 437 20.07 -11.63 5.60
C ARG A 437 18.97 -11.09 6.50
N GLY A 438 18.81 -9.76 6.51
CA GLY A 438 17.78 -9.07 7.29
C GLY A 438 16.34 -9.36 6.89
N TYR A 439 16.13 -9.87 5.67
CA TYR A 439 14.78 -10.25 5.21
C TYR A 439 14.14 -11.29 6.12
N ASP A 440 12.83 -11.15 6.31
CA ASP A 440 12.02 -12.12 7.05
C ASP A 440 10.76 -12.41 6.25
N LEU A 441 10.89 -13.32 5.28
CA LEU A 441 9.81 -13.59 4.34
C LEU A 441 9.40 -15.06 4.35
N ARG A 442 8.11 -15.30 4.17
CA ARG A 442 7.54 -16.65 4.25
C ARG A 442 7.18 -17.19 2.87
N PRO A 443 7.55 -18.45 2.58
CA PRO A 443 7.20 -19.08 1.30
C PRO A 443 5.70 -19.32 1.12
N ASN A 444 5.13 -18.65 0.12
CA ASN A 444 3.74 -18.86 -0.29
C ASN A 444 3.68 -19.98 -1.31
N SER A 445 3.21 -21.15 -0.89
CA SER A 445 3.22 -22.36 -1.72
C SER A 445 2.56 -22.19 -3.09
N ASP A 446 1.46 -21.46 -3.15
CA ASP A 446 0.69 -21.32 -4.39
C ASP A 446 1.26 -20.31 -5.40
N ILE A 447 1.86 -19.22 -4.90
CA ILE A 447 2.57 -18.30 -5.79
C ILE A 447 3.82 -18.98 -6.35
N GLN A 448 4.53 -19.72 -5.49
CA GLN A 448 5.71 -20.47 -5.89
C GLN A 448 5.39 -21.52 -6.97
N GLN A 449 4.27 -22.24 -6.78
CA GLN A 449 3.82 -23.24 -7.74
C GLN A 449 3.48 -22.61 -9.10
N TRP A 450 2.87 -21.43 -9.08
CA TRP A 450 2.56 -20.68 -10.30
C TRP A 450 3.84 -20.25 -11.02
N LEU A 451 4.81 -19.73 -10.27
CA LEU A 451 6.10 -19.31 -10.81
C LEU A 451 6.87 -20.47 -11.46
N GLN A 452 6.75 -21.66 -10.87
CA GLN A 452 7.40 -22.87 -11.37
C GLN A 452 6.77 -23.39 -12.66
N GLY A 453 5.46 -23.17 -12.82
CA GLY A 453 4.72 -23.63 -13.99
C GLY A 453 4.85 -22.72 -15.20
N LEU A 454 5.43 -21.54 -14.99
CA LEU A 454 5.61 -20.55 -16.04
C LEU A 454 6.60 -21.02 -17.11
N GLN A 455 6.17 -20.91 -18.37
CA GLN A 455 7.02 -21.25 -19.52
C GLN A 455 7.23 -20.00 -20.38
N PRO A 456 8.30 -19.23 -20.08
CA PRO A 456 8.56 -17.93 -20.69
C PRO A 456 8.86 -18.02 -22.19
N LEU A 457 8.47 -16.98 -22.92
CA LEU A 457 8.71 -16.90 -24.36
C LEU A 457 10.15 -16.52 -24.67
N THR A 458 10.65 -17.04 -25.79
CA THR A 458 11.96 -16.65 -26.29
C THR A 458 11.85 -15.26 -26.92
N GLU A 459 13.00 -14.63 -27.19
CA GLU A 459 13.05 -13.30 -27.80
C GLU A 459 12.37 -13.28 -29.17
N ALA A 460 12.48 -14.38 -29.91
CA ALA A 460 11.88 -14.50 -31.24
C ALA A 460 10.36 -14.65 -31.17
N GLN A 461 9.89 -15.47 -30.22
CA GLN A 461 8.46 -15.74 -30.04
C GLN A 461 7.67 -14.49 -29.62
N SER A 462 8.24 -13.74 -28.68
CA SER A 462 7.60 -12.54 -28.15
C SER A 462 7.43 -11.45 -29.20
N HIS A 463 8.43 -11.30 -30.08
CA HIS A 463 8.36 -10.36 -31.20
C HIS A 463 7.24 -10.74 -32.16
N ARG A 464 7.08 -12.05 -32.39
CA ARG A 464 6.04 -12.57 -33.27
C ARG A 464 4.63 -12.32 -32.71
N VAL A 465 4.44 -12.64 -31.44
CA VAL A 465 3.13 -12.50 -30.78
C VAL A 465 2.69 -11.04 -30.69
N SER A 466 3.64 -10.14 -30.40
CA SER A 466 3.35 -8.70 -30.34
C SER A 466 2.94 -8.13 -31.70
N CYS A 467 3.51 -8.69 -32.76
CA CYS A 467 3.14 -8.32 -34.12
C CYS A 467 1.76 -8.87 -34.49
N GLU A 468 1.34 -9.93 -33.79
CA GLU A 468 0.03 -10.55 -34.00
C GLU A 468 -1.08 -9.91 -33.16
N VAL A 469 -0.77 -9.56 -31.92
CA VAL A 469 -1.78 -8.98 -31.02
C VAL A 469 -1.99 -7.47 -31.21
N GLU A 470 -0.94 -6.80 -31.69
CA GLU A 470 -1.04 -5.40 -32.14
C GLU A 470 -0.25 -5.21 -33.43
N PRO A 471 -0.92 -5.37 -34.59
CA PRO A 471 -0.28 -5.29 -35.91
C PRO A 471 0.32 -3.92 -36.22
N ALA B 12 -21.44 27.72 38.29
CA ALA B 12 -21.27 26.88 39.52
C ALA B 12 -22.62 26.65 40.22
N SER B 13 -23.39 27.73 40.38
CA SER B 13 -24.73 27.63 40.98
C SER B 13 -25.79 27.94 39.93
N VAL B 14 -26.36 26.88 39.35
CA VAL B 14 -27.30 26.99 38.24
C VAL B 14 -28.74 27.08 38.75
N SER B 15 -29.48 28.07 38.22
CA SER B 15 -30.88 28.26 38.53
C SER B 15 -31.72 28.11 37.26
N VAL B 16 -32.70 27.22 37.30
CA VAL B 16 -33.47 26.84 36.11
C VAL B 16 -34.97 26.80 36.41
N TRP B 17 -35.76 27.46 35.57
CA TRP B 17 -37.22 27.48 35.73
C TRP B 17 -37.96 27.62 34.40
N ASP B 18 -39.22 27.16 34.39
CA ASP B 18 -40.06 27.21 33.20
C ASP B 18 -40.97 28.43 33.19
N GLU B 19 -41.19 28.99 32.00
CA GLU B 19 -42.11 30.09 31.80
C GLU B 19 -43.18 29.69 30.78
N GLU B 20 -44.45 29.90 31.15
CA GLU B 20 -45.57 29.53 30.28
C GLU B 20 -46.10 30.73 29.53
N GLU B 21 -46.06 30.66 28.20
CA GLU B 21 -46.60 31.70 27.34
C GLU B 21 -47.81 31.17 26.58
N ASP B 22 -48.32 31.97 25.64
CA ASP B 22 -49.46 31.57 24.82
C ASP B 22 -49.04 30.49 23.82
N GLY B 23 -49.39 29.25 24.13
CA GLY B 23 -49.13 28.11 23.26
C GLY B 23 -47.69 27.64 23.24
N ALA B 24 -46.90 28.10 24.21
CA ALA B 24 -45.47 27.74 24.26
C ALA B 24 -44.92 27.70 25.70
N THR B 25 -43.93 26.84 25.90
CA THR B 25 -43.22 26.73 27.17
C THR B 25 -41.74 27.05 26.96
N PHE B 26 -41.24 28.03 27.72
CA PHE B 26 -39.84 28.44 27.66
C PHE B 26 -39.12 28.04 28.94
N THR B 27 -37.81 27.84 28.85
CA THR B 27 -36.97 27.60 30.02
C THR B 27 -35.84 28.63 30.08
N VAL B 28 -35.71 29.25 31.24
CA VAL B 28 -34.61 30.17 31.52
C VAL B 28 -33.56 29.46 32.38
N THR B 29 -32.30 29.57 31.94
CA THR B 29 -31.16 29.11 32.71
C THR B 29 -30.34 30.32 33.13
N SER B 30 -30.05 30.41 34.42
CA SER B 30 -29.29 31.54 34.98
C SER B 30 -28.11 31.03 35.79
N ARG B 31 -26.90 31.32 35.32
CA ARG B 31 -25.66 30.84 35.93
C ARG B 31 -24.87 31.98 36.56
N GLN B 32 -24.56 31.85 37.85
CA GLN B 32 -23.75 32.85 38.56
C GLN B 32 -22.53 32.21 39.21
N TYR B 33 -21.35 32.64 38.78
CA TYR B 33 -20.07 32.14 39.30
C TYR B 33 -18.95 33.16 39.18
N PRO B 41 -17.66 40.58 46.20
CA PRO B 41 -17.85 41.00 44.82
C PRO B 41 -18.40 39.87 43.95
N LEU B 42 -19.67 39.55 44.14
CA LEU B 42 -20.35 38.50 43.39
C LEU B 42 -20.69 38.99 41.98
N PRO B 43 -20.10 38.36 40.94
CA PRO B 43 -20.25 38.82 39.56
C PRO B 43 -21.67 38.60 39.01
N PRO B 44 -22.10 39.45 38.06
CA PRO B 44 -23.43 39.33 37.45
C PRO B 44 -23.67 37.99 36.77
N PRO B 45 -24.86 37.40 36.97
CA PRO B 45 -25.21 36.10 36.37
C PRO B 45 -25.30 36.16 34.85
N ARG B 46 -25.00 35.03 34.20
CA ARG B 46 -25.24 34.84 32.78
C ARG B 46 -26.56 34.11 32.61
N SER B 47 -27.51 34.71 31.90
CA SER B 47 -28.82 34.10 31.71
C SER B 47 -29.21 33.95 30.24
N SER B 48 -29.93 32.88 29.94
CA SER B 48 -30.39 32.60 28.58
C SER B 48 -31.76 31.90 28.58
N ARG B 49 -32.55 32.21 27.56
CA ARG B 49 -33.89 31.64 27.41
C ARG B 49 -33.98 30.80 26.13
N ARG B 50 -34.59 29.62 26.24
CA ARG B 50 -34.83 28.76 25.09
C ARG B 50 -36.24 28.17 25.13
N LEU B 51 -36.85 28.06 23.96
CA LEU B 51 -38.16 27.43 23.83
C LEU B 51 -38.02 25.92 24.00
N ARG B 52 -38.90 25.34 24.83
CA ARG B 52 -38.88 23.91 25.12
C ARG B 52 -39.93 23.16 24.30
N ALA B 53 -41.12 23.73 24.23
CA ALA B 53 -42.24 23.11 23.54
C ALA B 53 -43.24 24.17 23.14
N GLY B 54 -44.01 23.90 22.08
CA GLY B 54 -45.05 24.82 21.64
C GLY B 54 -45.83 24.37 20.42
N THR B 55 -46.98 24.98 20.21
CA THR B 55 -47.80 24.75 19.02
C THR B 55 -47.09 25.31 17.79
N LEU B 56 -47.44 24.79 16.61
CA LEU B 56 -46.87 25.27 15.34
C LEU B 56 -46.95 26.78 15.20
N GLU B 57 -48.08 27.34 15.59
CA GLU B 57 -48.32 28.78 15.56
C GLU B 57 -47.33 29.53 16.45
N ALA B 58 -47.17 29.04 17.68
CA ALA B 58 -46.21 29.61 18.64
C ALA B 58 -44.78 29.46 18.15
N LEU B 59 -44.48 28.32 17.54
CA LEU B 59 -43.17 28.09 16.93
C LEU B 59 -42.87 29.12 15.85
N VAL B 60 -43.87 29.45 15.05
CA VAL B 60 -43.74 30.43 13.97
C VAL B 60 -43.61 31.86 14.53
N ARG B 61 -44.40 32.16 15.56
CA ARG B 61 -44.29 33.44 16.29
C ARG B 61 -42.87 33.65 16.83
N HIS B 62 -42.28 32.58 17.35
CA HIS B 62 -40.90 32.59 17.84
C HIS B 62 -39.90 32.66 16.68
N LEU B 63 -40.20 31.95 15.59
CA LEU B 63 -39.37 31.93 14.38
C LEU B 63 -39.18 33.33 13.79
N LEU B 64 -40.26 34.11 13.80
CA LEU B 64 -40.27 35.44 13.19
C LEU B 64 -40.00 36.57 14.19
N ASP B 65 -39.63 36.19 15.42
CA ASP B 65 -39.21 37.13 16.45
C ASP B 65 -37.75 37.50 16.21
N ALA B 66 -37.48 38.81 16.07
CA ALA B 66 -36.15 39.31 15.71
C ALA B 66 -35.06 38.97 16.73
N ARG B 67 -35.46 38.81 18.00
CA ARG B 67 -34.53 38.50 19.08
C ARG B 67 -34.07 37.05 19.09
N THR B 68 -34.87 36.16 18.49
CA THR B 68 -34.61 34.71 18.53
C THR B 68 -33.24 34.29 18.01
N ALA B 69 -32.77 34.94 16.95
CA ALA B 69 -31.46 34.65 16.36
C ALA B 69 -30.31 34.81 17.37
N GLY B 70 -30.40 35.84 18.22
CA GLY B 70 -29.40 36.07 19.27
C GLY B 70 -29.73 35.35 20.56
N ALA B 71 -31.03 35.26 20.87
CA ALA B 71 -31.50 34.63 22.10
C ALA B 71 -31.34 33.11 22.10
N ASP B 72 -31.40 32.51 20.91
CA ASP B 72 -31.32 31.06 20.73
C ASP B 72 -30.88 30.71 19.31
N MET B 73 -29.56 30.64 19.12
CA MET B 73 -28.92 30.44 17.82
C MET B 73 -29.41 29.20 17.05
N MET B 74 -29.69 28.13 17.77
CA MET B 74 -29.99 26.84 17.16
C MET B 74 -31.47 26.63 16.77
N PHE B 75 -32.37 27.45 17.32
CA PHE B 75 -33.81 27.26 17.10
C PHE B 75 -34.21 27.29 15.63
N THR B 76 -33.84 28.36 14.93
CA THR B 76 -34.22 28.57 13.54
C THR B 76 -33.79 27.41 12.61
N PRO B 77 -32.48 27.10 12.54
CA PRO B 77 -32.05 26.00 11.67
C PRO B 77 -32.58 24.63 12.10
N ALA B 78 -32.79 24.43 13.39
CA ALA B 78 -33.33 23.17 13.91
C ALA B 78 -34.77 22.97 13.44
N LEU B 79 -35.57 24.01 13.53
CA LEU B 79 -36.96 23.96 13.06
C LEU B 79 -36.98 23.67 11.55
N LEU B 80 -36.15 24.38 10.80
CA LEU B 80 -36.13 24.27 9.34
C LEU B 80 -35.72 22.89 8.85
N ALA B 81 -34.74 22.29 9.54
CA ALA B 81 -34.21 20.99 9.15
C ALA B 81 -35.10 19.81 9.56
N THR B 82 -35.87 19.98 10.63
CA THR B 82 -36.67 18.88 11.18
C THR B 82 -38.18 19.01 10.95
N HIS B 83 -38.61 20.10 10.33
CA HIS B 83 -40.05 20.41 10.25
C HIS B 83 -40.91 19.36 9.53
N ARG B 84 -40.38 18.72 8.49
CA ARG B 84 -41.13 17.73 7.73
C ARG B 84 -41.55 16.51 8.56
N ALA B 85 -40.93 16.34 9.72
CA ALA B 85 -41.27 15.24 10.63
C ALA B 85 -42.57 15.49 11.39
N PHE B 86 -42.90 16.76 11.62
CA PHE B 86 -44.09 17.12 12.40
C PHE B 86 -45.08 18.03 11.66
N THR B 87 -44.67 18.53 10.50
CA THR B 87 -45.55 19.36 9.65
C THR B 87 -45.17 19.22 8.16
N SER B 88 -45.67 20.10 7.31
CA SER B 88 -45.28 20.13 5.90
C SER B 88 -44.74 21.49 5.51
N THR B 89 -43.94 21.53 4.44
CA THR B 89 -43.37 22.78 3.93
C THR B 89 -44.41 23.84 3.55
N PRO B 90 -45.47 23.46 2.79
CA PRO B 90 -46.50 24.46 2.48
C PRO B 90 -47.28 24.94 3.71
N ALA B 91 -47.44 24.08 4.70
CA ALA B 91 -48.09 24.45 5.96
C ALA B 91 -47.22 25.41 6.76
N LEU B 92 -45.92 25.15 6.82
CA LEU B 92 -44.97 26.04 7.51
C LEU B 92 -44.91 27.39 6.80
N PHE B 93 -44.83 27.36 5.47
CA PHE B 93 -44.86 28.55 4.63
C PHE B 93 -46.15 29.33 4.86
N GLY B 94 -47.27 28.61 4.87
CA GLY B 94 -48.59 29.19 5.12
C GLY B 94 -48.68 29.98 6.40
N LEU B 95 -48.19 29.39 7.49
CA LEU B 95 -48.20 30.03 8.80
C LEU B 95 -47.30 31.26 8.87
N VAL B 96 -46.17 31.23 8.15
CA VAL B 96 -45.31 32.40 8.00
C VAL B 96 -46.11 33.53 7.34
N ALA B 97 -46.82 33.19 6.26
CA ALA B 97 -47.69 34.13 5.56
C ALA B 97 -48.84 34.62 6.44
N ASP B 98 -49.39 33.73 7.25
CA ASP B 98 -50.46 34.06 8.19
C ASP B 98 -50.03 35.12 9.20
N ARG B 99 -48.85 34.92 9.80
CA ARG B 99 -48.30 35.83 10.79
C ARG B 99 -48.01 37.22 10.19
N LEU B 100 -47.55 37.24 8.95
CA LEU B 100 -47.29 38.51 8.25
C LEU B 100 -48.58 39.26 7.93
N GLU B 101 -49.61 38.53 7.49
CA GLU B 101 -50.90 39.12 7.14
C GLU B 101 -51.68 39.60 8.35
N ALA B 102 -51.46 38.96 9.50
CA ALA B 102 -52.08 39.37 10.76
C ALA B 102 -51.43 40.63 11.33
N LEU B 103 -50.27 40.98 10.77
CA LEU B 103 -49.48 42.12 11.22
C LEU B 103 -49.57 43.34 10.31
N GLU B 104 -50.45 43.27 9.31
CA GLU B 104 -50.68 44.39 8.41
C GLU B 104 -51.49 45.51 9.06
N SER B 105 -52.34 45.14 10.01
CA SER B 105 -53.14 46.10 10.78
C SER B 105 -52.33 46.73 11.91
N TYR B 106 -51.21 46.08 12.27
CA TYR B 106 -50.29 46.56 13.29
C TYR B 106 -49.55 47.83 12.85
N PRO B 107 -48.92 48.55 13.81
CA PRO B 107 -48.07 49.70 13.48
C PRO B 107 -46.95 49.34 12.49
N PRO B 108 -46.55 50.30 11.63
CA PRO B 108 -45.59 50.07 10.54
C PRO B 108 -44.21 49.56 10.99
N GLY B 109 -43.78 49.98 12.18
CA GLY B 109 -42.44 49.66 12.68
C GLY B 109 -42.21 48.19 13.01
N GLU B 110 -43.19 47.58 13.69
CA GLU B 110 -43.11 46.17 14.07
C GLU B 110 -43.31 45.26 12.85
N LEU B 111 -44.12 45.73 11.90
CA LEU B 111 -44.33 45.03 10.64
C LEU B 111 -43.06 45.03 9.79
N GLU B 112 -42.31 46.13 9.86
CA GLU B 112 -41.06 46.31 9.13
C GLU B 112 -39.98 45.34 9.62
N ARG B 113 -39.92 45.12 10.93
CA ARG B 113 -38.96 44.19 11.53
C ARG B 113 -39.27 42.74 11.17
N THR B 114 -40.50 42.32 11.43
CA THR B 114 -40.94 40.94 11.23
C THR B 114 -40.81 40.48 9.77
N THR B 115 -41.13 41.39 8.84
CA THR B 115 -40.96 41.14 7.41
C THR B 115 -39.48 40.84 7.10
N GLY B 116 -38.59 41.66 7.65
CA GLY B 116 -37.14 41.47 7.50
C GLY B 116 -36.63 40.16 8.05
N VAL B 117 -37.23 39.71 9.15
CA VAL B 117 -36.91 38.41 9.73
C VAL B 117 -37.42 37.28 8.84
N ALA B 118 -38.67 37.41 8.38
CA ALA B 118 -39.28 36.44 7.46
C ALA B 118 -38.47 36.25 6.18
N ILE B 119 -38.00 37.36 5.60
CA ILE B 119 -37.13 37.32 4.42
C ILE B 119 -35.83 36.59 4.72
N SER B 120 -35.23 36.93 5.87
CA SER B 120 -34.00 36.29 6.32
C SER B 120 -34.19 34.79 6.57
N VAL B 121 -35.29 34.42 7.19
CA VAL B 121 -35.61 33.02 7.49
C VAL B 121 -35.83 32.22 6.20
N LEU B 122 -36.70 32.72 5.32
CA LEU B 122 -37.00 32.07 4.05
C LEU B 122 -35.79 31.94 3.14
N SER B 123 -34.91 32.95 3.14
CA SER B 123 -33.68 32.90 2.35
C SER B 123 -32.69 31.86 2.88
N THR B 124 -32.54 31.80 4.20
CA THR B 124 -31.71 30.78 4.85
C THR B 124 -32.28 29.39 4.59
N TRP B 125 -33.60 29.27 4.70
CA TRP B 125 -34.33 28.03 4.41
C TRP B 125 -34.04 27.53 2.99
N LEU B 126 -34.17 28.42 2.01
CA LEU B 126 -33.94 28.09 0.61
C LEU B 126 -32.50 27.61 0.38
N ALA B 127 -31.54 28.33 0.96
CA ALA B 127 -30.11 27.99 0.85
C ALA B 127 -29.76 26.66 1.51
N SER B 128 -30.41 26.37 2.65
CA SER B 128 -30.14 25.14 3.41
C SER B 128 -30.83 23.92 2.82
N HIS B 129 -32.10 24.07 2.47
CA HIS B 129 -32.91 22.95 2.00
C HIS B 129 -33.73 23.32 0.76
N PRO B 130 -33.05 23.51 -0.39
CA PRO B 130 -33.75 23.94 -1.61
C PRO B 130 -34.78 22.93 -2.12
N GLU B 131 -34.60 21.65 -1.76
CA GLU B 131 -35.47 20.56 -2.20
C GLU B 131 -36.86 20.59 -1.55
N ASP B 132 -37.01 21.37 -0.48
CA ASP B 132 -38.29 21.53 0.21
C ASP B 132 -39.31 22.27 -0.65
N PHE B 133 -38.82 23.12 -1.55
CA PHE B 133 -39.69 23.99 -2.35
C PHE B 133 -39.94 23.43 -3.75
N GLY B 134 -41.21 23.21 -4.07
CA GLY B 134 -41.63 22.75 -5.38
C GLY B 134 -42.92 23.41 -5.83
N SER B 135 -43.76 22.66 -6.52
CA SER B 135 -45.04 23.16 -7.03
C SER B 135 -46.07 23.41 -5.93
N GLU B 136 -45.96 22.64 -4.85
CA GLU B 136 -46.96 22.64 -3.77
C GLU B 136 -46.98 23.91 -2.91
N VAL B 137 -46.03 24.82 -3.15
CA VAL B 137 -45.93 26.05 -2.36
C VAL B 137 -46.26 27.33 -3.16
N LYS B 138 -46.83 27.16 -4.35
CA LYS B 138 -47.16 28.27 -5.24
C LYS B 138 -48.13 29.27 -4.61
N GLY B 139 -49.20 28.75 -3.99
CA GLY B 139 -50.21 29.58 -3.34
C GLY B 139 -49.64 30.43 -2.22
N GLN B 140 -48.76 29.82 -1.43
CA GLN B 140 -48.09 30.47 -0.31
C GLN B 140 -47.09 31.53 -0.79
N LEU B 141 -46.43 31.24 -1.92
CA LEU B 141 -45.50 32.18 -2.54
C LEU B 141 -46.24 33.35 -3.18
N ASP B 142 -47.45 33.08 -3.70
CA ASP B 142 -48.32 34.13 -4.23
C ASP B 142 -48.79 35.06 -3.11
N ARG B 143 -49.13 34.46 -1.96
CA ARG B 143 -49.53 35.23 -0.78
C ARG B 143 -48.38 36.10 -0.26
N LEU B 144 -47.16 35.57 -0.33
CA LEU B 144 -45.97 36.29 0.13
C LEU B 144 -45.65 37.49 -0.77
N GLU B 145 -45.70 37.28 -2.08
CA GLU B 145 -45.41 38.34 -3.05
C GLU B 145 -46.47 39.44 -2.97
N SER B 146 -47.73 39.05 -2.83
CA SER B 146 -48.83 40.00 -2.69
C SER B 146 -48.72 40.83 -1.42
N PHE B 147 -48.20 40.21 -0.36
CA PHE B 147 -48.01 40.89 0.93
C PHE B 147 -47.01 42.03 0.86
N LEU B 148 -45.84 41.77 0.28
CA LEU B 148 -44.77 42.76 0.22
C LEU B 148 -45.04 43.91 -0.75
N LEU B 149 -45.93 43.67 -1.71
CA LEU B 149 -46.35 44.72 -2.65
C LEU B 149 -47.32 45.70 -2.00
N ARG B 150 -48.15 45.20 -1.09
CA ARG B 150 -49.10 46.04 -0.35
C ARG B 150 -48.42 46.89 0.72
N THR B 151 -47.39 46.32 1.35
CA THR B 151 -46.67 47.01 2.43
C THR B 151 -45.61 47.98 1.90
N GLY B 152 -45.09 47.70 0.71
CA GLY B 152 -44.11 48.58 0.08
C GLY B 152 -42.97 47.82 -0.60
N TYR B 153 -41.89 47.61 0.15
CA TYR B 153 -40.70 46.91 -0.35
C TYR B 153 -39.92 46.28 0.80
N SER B 163 -35.11 40.55 -0.77
CA SER B 163 -36.56 40.74 -0.85
C SER B 163 -37.07 40.39 -2.25
N ALA B 164 -36.53 41.05 -3.27
CA ALA B 164 -36.87 40.78 -4.66
C ALA B 164 -36.10 39.58 -5.21
N ASP B 165 -34.87 39.41 -4.72
CA ASP B 165 -34.02 38.28 -5.10
C ASP B 165 -34.56 36.96 -4.56
N LEU B 166 -35.19 37.01 -3.39
CA LEU B 166 -35.79 35.82 -2.77
C LEU B 166 -36.96 35.28 -3.58
N ILE B 167 -37.86 36.18 -4.01
CA ILE B 167 -39.03 35.81 -4.79
C ILE B 167 -38.63 35.15 -6.12
N ARG B 168 -37.67 35.74 -6.81
CA ARG B 168 -37.16 35.21 -8.07
C ARG B 168 -36.54 33.82 -7.91
N ASN B 169 -35.75 33.64 -6.84
CA ASN B 169 -35.13 32.35 -6.53
C ASN B 169 -36.14 31.32 -6.03
N LEU B 170 -37.21 31.79 -5.39
CA LEU B 170 -38.28 30.93 -4.89
C LEU B 170 -39.22 30.50 -6.01
N ARG B 171 -39.36 31.36 -7.02
CA ARG B 171 -40.11 31.04 -8.23
C ARG B 171 -39.37 30.01 -9.09
N ALA B 172 -38.04 30.04 -9.02
CA ALA B 172 -37.19 29.12 -9.76
C ALA B 172 -37.38 27.66 -9.32
N ARG B 173 -37.82 27.47 -8.08
CA ARG B 173 -38.10 26.15 -7.54
C ARG B 173 -39.57 25.77 -7.72
N VAL B 174 -40.43 26.79 -7.78
CA VAL B 174 -41.89 26.58 -7.85
C VAL B 174 -42.42 26.42 -9.29
N ASP B 175 -41.93 27.25 -10.20
CA ASP B 175 -42.38 27.22 -11.60
C ASP B 175 -41.74 26.06 -12.38
N PRO B 176 -40.43 25.87 -12.21
CA PRO B 176 -39.65 24.81 -12.85
C PRO B 176 -39.58 23.56 -11.98
N ALA B 193 -21.95 -9.51 -15.44
CA ALA B 193 -20.49 -9.48 -15.29
C ALA B 193 -19.99 -10.60 -14.39
N ASP B 194 -18.76 -11.05 -14.64
CA ASP B 194 -18.10 -12.07 -13.84
C ASP B 194 -17.67 -11.48 -12.50
N PRO B 195 -18.25 -11.96 -11.39
CA PRO B 195 -17.93 -11.44 -10.06
C PRO B 195 -16.48 -11.72 -9.62
N THR B 196 -15.86 -12.74 -10.22
CA THR B 196 -14.48 -13.11 -9.92
C THR B 196 -13.46 -12.15 -10.56
N ASP B 197 -13.91 -11.35 -11.52
CA ASP B 197 -13.07 -10.34 -12.17
C ASP B 197 -12.63 -9.21 -11.23
N VAL B 198 -12.99 -9.32 -9.95
CA VAL B 198 -12.48 -8.42 -8.92
C VAL B 198 -10.95 -8.51 -8.84
N LEU B 199 -10.43 -9.67 -9.26
CA LEU B 199 -8.99 -9.94 -9.22
C LEU B 199 -8.21 -9.11 -10.24
N VAL B 200 -8.79 -8.86 -11.41
CA VAL B 200 -8.08 -8.16 -12.50
C VAL B 200 -7.79 -6.68 -12.23
N PHE B 201 -8.46 -6.12 -11.22
CA PHE B 201 -8.27 -4.73 -10.85
C PHE B 201 -7.41 -4.62 -9.58
N LEU B 202 -6.64 -3.53 -9.47
CA LEU B 202 -5.84 -3.29 -8.27
C LEU B 202 -6.72 -2.87 -7.10
N ALA B 203 -6.38 -3.36 -5.91
CA ALA B 203 -7.25 -3.23 -4.72
C ALA B 203 -7.49 -1.78 -4.30
N ASP B 204 -6.46 -0.95 -4.42
CA ASP B 204 -6.59 0.48 -4.13
C ASP B 204 -7.46 1.19 -5.16
N HIS B 205 -7.35 0.80 -6.43
CA HIS B 205 -8.21 1.34 -7.48
C HIS B 205 -9.69 1.00 -7.23
N LEU B 206 -9.94 -0.25 -6.85
CA LEU B 206 -11.30 -0.70 -6.51
C LEU B 206 -11.89 0.11 -5.37
N ALA B 207 -11.11 0.29 -4.30
CA ALA B 207 -11.53 1.09 -3.14
C ALA B 207 -11.85 2.53 -3.55
N GLU B 208 -10.97 3.13 -4.35
CA GLU B 208 -11.17 4.47 -4.88
C GLU B 208 -12.47 4.57 -5.69
N GLN B 209 -12.78 3.52 -6.43
CA GLN B 209 -13.95 3.50 -7.28
C GLN B 209 -15.22 3.26 -6.49
N LEU B 210 -15.14 2.40 -5.47
CA LEU B 210 -16.24 2.20 -4.54
C LEU B 210 -16.53 3.48 -3.75
N THR B 211 -15.47 4.19 -3.37
CA THR B 211 -15.56 5.43 -2.62
C THR B 211 -16.19 6.56 -3.44
N LEU B 212 -15.91 6.57 -4.73
CA LEU B 212 -16.52 7.56 -5.64
C LEU B 212 -18.04 7.41 -5.69
N LEU B 213 -18.51 6.16 -5.77
CA LEU B 213 -19.95 5.88 -5.78
C LEU B 213 -20.59 6.19 -4.43
N ASP B 214 -19.90 5.86 -3.35
CA ASP B 214 -20.38 6.12 -1.99
C ASP B 214 -20.39 7.61 -1.65
N ALA B 215 -19.38 8.33 -2.11
CA ALA B 215 -19.22 9.76 -1.78
C ALA B 215 -20.29 10.65 -2.40
N GLU B 216 -20.68 10.36 -3.65
CA GLU B 216 -21.69 11.16 -4.33
C GLU B 216 -23.10 10.90 -3.79
N LEU B 217 -23.36 9.68 -3.32
CA LEU B 217 -24.64 9.36 -2.69
C LEU B 217 -24.74 9.93 -1.29
N PHE B 218 -23.60 10.11 -0.62
CA PHE B 218 -23.57 10.75 0.70
C PHE B 218 -23.70 12.27 0.59
N LEU B 219 -23.21 12.84 -0.50
CA LEU B 219 -23.37 14.27 -0.76
C LEU B 219 -24.77 14.61 -1.23
N ASN B 220 -25.43 13.66 -1.89
CA ASN B 220 -26.82 13.81 -2.31
C ASN B 220 -27.82 13.52 -1.19
N LEU B 221 -27.32 12.99 -0.08
CA LEU B 221 -28.17 12.67 1.06
C LEU B 221 -28.85 13.90 1.64
N ILE B 222 -30.17 13.81 1.81
CA ILE B 222 -30.92 14.84 2.51
C ILE B 222 -31.08 14.39 3.96
N PRO B 223 -30.39 15.10 4.89
CA PRO B 223 -30.32 14.70 6.30
C PRO B 223 -31.66 14.50 6.99
N SER B 224 -32.65 15.33 6.64
CA SER B 224 -34.00 15.22 7.23
C SER B 224 -34.66 13.86 6.96
N GLN B 225 -34.29 13.21 5.86
CA GLN B 225 -34.84 11.90 5.52
C GLN B 225 -34.33 10.79 6.44
N CYS B 226 -33.24 11.07 7.16
CA CYS B 226 -32.68 10.13 8.13
C CYS B 226 -33.42 10.14 9.48
N LEU B 227 -34.28 11.14 9.69
CA LEU B 227 -35.02 11.27 10.94
C LEU B 227 -35.83 10.02 11.27
N GLY B 228 -35.83 9.64 12.54
CA GLY B 228 -36.47 8.41 13.01
C GLY B 228 -37.95 8.30 12.71
N GLY B 229 -38.65 9.43 12.75
CA GLY B 229 -40.07 9.48 12.44
C GLY B 229 -40.39 9.30 10.96
N LEU B 230 -39.36 9.33 10.12
CA LEU B 230 -39.52 9.13 8.68
C LEU B 230 -38.93 7.79 8.24
N TRP B 231 -37.63 7.62 8.46
CA TRP B 231 -36.92 6.40 8.08
C TRP B 231 -37.40 5.16 8.84
N GLY B 232 -37.78 5.35 10.10
CA GLY B 232 -38.28 4.26 10.94
C GLY B 232 -39.62 3.69 10.49
N HIS B 233 -40.36 4.47 9.70
CA HIS B 233 -41.66 4.05 9.20
C HIS B 233 -41.59 3.63 7.72
N ARG B 234 -40.40 3.28 7.26
CA ARG B 234 -40.16 2.93 5.84
C ARG B 234 -40.91 1.69 5.34
N ASP B 235 -41.18 0.75 6.24
CA ASP B 235 -41.79 -0.53 5.87
C ASP B 235 -43.32 -0.53 5.97
N ARG B 236 -43.89 0.64 6.18
CA ARG B 236 -45.34 0.80 6.28
C ARG B 236 -46.00 0.94 4.90
N PRO B 237 -47.25 0.46 4.75
CA PRO B 237 -48.03 0.36 3.52
C PRO B 237 -47.65 1.30 2.36
N GLY B 238 -47.59 2.60 2.62
CA GLY B 238 -47.32 3.58 1.56
C GLY B 238 -45.98 4.29 1.63
N HIS B 239 -44.98 3.63 2.21
CA HIS B 239 -43.68 4.25 2.48
C HIS B 239 -42.52 3.62 1.69
N SER B 240 -42.84 2.92 0.61
CA SER B 240 -41.84 2.18 -0.17
C SER B 240 -40.82 3.08 -0.89
N HIS B 241 -41.28 4.21 -1.40
CA HIS B 241 -40.40 5.13 -2.15
C HIS B 241 -40.07 6.41 -1.40
N LEU B 242 -40.42 6.46 -0.11
CA LEU B 242 -40.07 7.61 0.74
C LEU B 242 -38.64 7.46 1.27
N CYS B 243 -38.03 8.60 1.61
CA CYS B 243 -36.61 8.68 1.99
C CYS B 243 -35.70 8.09 0.90
N PRO B 244 -35.82 8.60 -0.34
CA PRO B 244 -35.09 7.99 -1.47
C PRO B 244 -33.57 8.19 -1.42
N SER B 245 -33.11 9.31 -0.86
CA SER B 245 -31.68 9.59 -0.73
C SER B 245 -31.01 8.62 0.25
N VAL B 246 -31.72 8.28 1.32
CA VAL B 246 -31.25 7.29 2.29
C VAL B 246 -31.23 5.88 1.67
N ARG B 247 -32.32 5.54 0.99
CA ARG B 247 -32.46 4.23 0.33
C ARG B 247 -31.37 3.99 -0.71
N ALA B 248 -30.97 5.05 -1.40
CA ALA B 248 -29.92 4.98 -2.43
C ALA B 248 -28.55 4.62 -1.85
N THR B 249 -28.27 5.09 -0.64
CA THR B 249 -27.05 4.77 0.09
C THR B 249 -27.07 3.31 0.53
N VAL B 250 -28.21 2.88 1.08
CA VAL B 250 -28.42 1.51 1.52
C VAL B 250 -28.31 0.52 0.34
N THR B 251 -28.91 0.89 -0.79
CA THR B 251 -28.86 0.08 -2.01
C THR B 251 -27.43 -0.19 -2.47
N GLN B 252 -26.62 0.87 -2.56
CA GLN B 252 -25.21 0.75 -2.94
C GLN B 252 -24.42 -0.08 -1.93
N PHE B 253 -24.66 0.16 -0.64
CA PHE B 253 -24.09 -0.63 0.44
C PHE B 253 -24.34 -2.13 0.21
N ASN B 254 -25.61 -2.48 -0.04
CA ASN B 254 -25.99 -3.88 -0.28
C ASN B 254 -25.44 -4.45 -1.59
N LYS B 255 -25.22 -3.56 -2.56
CA LYS B 255 -24.61 -3.91 -3.84
C LYS B 255 -23.15 -4.34 -3.65
N VAL B 256 -22.41 -3.57 -2.86
CA VAL B 256 -21.01 -3.88 -2.54
C VAL B 256 -20.94 -5.18 -1.74
N ALA B 257 -21.79 -5.31 -0.73
CA ALA B 257 -21.85 -6.52 0.09
C ALA B 257 -22.27 -7.74 -0.74
N GLY B 258 -23.13 -7.53 -1.71
CA GLY B 258 -23.56 -8.58 -2.63
C GLY B 258 -22.44 -9.03 -3.55
N ALA B 259 -21.63 -8.07 -4.00
CA ALA B 259 -20.48 -8.34 -4.85
C ALA B 259 -19.46 -9.24 -4.15
N VAL B 260 -19.21 -8.97 -2.87
CA VAL B 260 -18.31 -9.77 -2.06
C VAL B 260 -18.81 -11.21 -1.95
N VAL B 261 -20.10 -11.36 -1.63
CA VAL B 261 -20.73 -12.68 -1.49
C VAL B 261 -20.65 -13.50 -2.79
N SER B 262 -21.07 -12.88 -3.90
CA SER B 262 -21.06 -13.53 -5.21
C SER B 262 -19.65 -13.93 -5.64
N SER B 263 -18.70 -13.02 -5.45
CA SER B 263 -17.32 -13.21 -5.84
C SER B 263 -16.68 -14.40 -5.12
N VAL B 264 -16.78 -14.42 -3.80
CA VAL B 264 -16.21 -15.49 -2.99
C VAL B 264 -16.86 -16.85 -3.32
N LEU B 265 -18.16 -16.83 -3.56
CA LEU B 265 -18.88 -18.05 -3.95
C LEU B 265 -18.73 -18.37 -5.44
N GLY B 266 -18.07 -17.48 -6.19
CA GLY B 266 -17.85 -17.65 -7.62
C GLY B 266 -19.14 -17.88 -8.39
N ALA B 267 -20.21 -17.26 -7.92
CA ALA B 267 -21.55 -17.50 -8.44
C ALA B 267 -22.10 -16.30 -9.19
N THR B 268 -22.83 -16.57 -10.28
CA THR B 268 -23.51 -15.55 -11.06
C THR B 268 -25.01 -15.84 -11.09
N SER B 269 -25.80 -14.81 -10.76
CA SER B 269 -27.25 -14.94 -10.70
C SER B 269 -27.88 -14.88 -12.09
N ILE B 270 -28.57 -15.96 -12.46
CA ILE B 270 -29.29 -16.02 -13.73
C ILE B 270 -30.70 -15.45 -13.56
N GLY B 271 -31.41 -15.94 -12.55
CA GLY B 271 -32.76 -15.48 -12.26
C GLY B 271 -33.00 -15.26 -10.77
N GLU B 272 -34.29 -15.17 -10.40
CA GLU B 272 -34.68 -14.96 -9.00
C GLU B 272 -34.73 -16.27 -8.21
N GLY B 273 -34.74 -17.38 -8.93
CA GLY B 273 -34.78 -18.71 -8.32
C GLY B 273 -33.48 -19.11 -7.65
N PRO B 274 -33.56 -19.73 -6.46
CA PRO B 274 -32.40 -20.20 -5.71
C PRO B 274 -31.51 -21.16 -6.49
N ARG B 275 -32.13 -21.96 -7.37
CA ARG B 275 -31.40 -22.92 -8.20
C ARG B 275 -30.86 -22.27 -9.47
N GLU B 276 -31.41 -21.11 -9.84
CA GLU B 276 -30.99 -20.38 -11.04
C GLU B 276 -29.71 -19.60 -10.77
N VAL B 277 -28.59 -20.32 -10.77
CA VAL B 277 -27.27 -19.75 -10.50
C VAL B 277 -26.18 -20.61 -11.15
N THR B 278 -25.21 -19.95 -11.79
CA THR B 278 -24.04 -20.64 -12.34
C THR B 278 -22.86 -20.51 -11.39
N VAL B 279 -22.28 -21.65 -11.04
CA VAL B 279 -21.15 -21.68 -10.11
C VAL B 279 -19.86 -22.08 -10.85
N ARG B 280 -18.89 -21.18 -10.82
CA ARG B 280 -17.56 -21.47 -11.35
C ARG B 280 -16.80 -22.30 -10.32
N PRO B 281 -16.42 -23.54 -10.68
CA PRO B 281 -15.72 -24.42 -9.74
C PRO B 281 -14.42 -23.81 -9.25
N LEU B 282 -14.24 -23.81 -7.92
CA LEU B 282 -13.04 -23.26 -7.30
C LEU B 282 -12.58 -24.17 -6.17
N ARG B 283 -11.27 -24.38 -6.10
CA ARG B 283 -10.65 -25.13 -5.01
C ARG B 283 -10.39 -24.17 -3.85
N PRO B 284 -10.33 -24.70 -2.61
CA PRO B 284 -10.11 -23.86 -1.42
C PRO B 284 -9.00 -22.81 -1.50
N PRO B 285 -7.79 -23.16 -2.03
CA PRO B 285 -6.77 -22.11 -2.15
C PRO B 285 -7.14 -21.06 -3.21
N GLN B 286 -7.79 -21.51 -4.28
CA GLN B 286 -8.24 -20.64 -5.37
C GLN B 286 -9.31 -19.65 -4.87
N ARG B 287 -10.18 -20.14 -3.98
CA ARG B 287 -11.22 -19.31 -3.38
C ARG B 287 -10.63 -18.32 -2.36
N ALA B 288 -9.53 -18.73 -1.72
CA ALA B 288 -8.85 -17.90 -0.72
C ALA B 288 -8.27 -16.61 -1.31
N ARG B 289 -8.00 -16.61 -2.62
CA ARG B 289 -7.47 -15.44 -3.30
C ARG B 289 -8.52 -14.34 -3.41
N LEU B 290 -9.77 -14.76 -3.55
CA LEU B 290 -10.90 -13.83 -3.58
C LEU B 290 -11.15 -13.25 -2.20
N LEU B 291 -11.06 -14.10 -1.17
CA LEU B 291 -11.18 -13.65 0.22
C LEU B 291 -10.09 -12.62 0.54
N GLU B 292 -8.84 -12.97 0.21
CA GLU B 292 -7.69 -12.07 0.41
C GLU B 292 -7.87 -10.73 -0.32
N LYS B 293 -8.43 -10.79 -1.53
CA LYS B 293 -8.64 -9.59 -2.34
C LYS B 293 -9.62 -8.62 -1.71
N TRP B 294 -10.75 -9.15 -1.21
CA TRP B 294 -11.77 -8.32 -0.58
C TRP B 294 -11.31 -7.75 0.76
N ILE B 295 -10.57 -8.56 1.53
CA ILE B 295 -9.94 -8.10 2.76
C ILE B 295 -9.05 -6.88 2.47
N ARG B 296 -8.29 -6.97 1.38
CA ARG B 296 -7.41 -5.87 0.95
C ARG B 296 -8.20 -4.65 0.46
N VAL B 297 -9.26 -4.89 -0.32
CA VAL B 297 -10.15 -3.82 -0.78
C VAL B 297 -10.77 -3.08 0.41
N ALA B 298 -11.20 -3.83 1.42
CA ALA B 298 -11.72 -3.26 2.67
C ALA B 298 -10.67 -2.42 3.38
N GLU B 299 -9.44 -2.92 3.44
CA GLU B 299 -8.32 -2.20 4.04
C GLU B 299 -8.05 -0.90 3.29
N GLU B 300 -8.08 -0.97 1.96
CA GLU B 300 -7.86 0.22 1.12
C GLU B 300 -8.98 1.24 1.27
N CYS B 301 -10.20 0.77 1.51
CA CYS B 301 -11.34 1.65 1.82
C CYS B 301 -11.16 2.37 3.16
N ARG B 302 -10.54 1.67 4.12
CA ARG B 302 -10.26 2.23 5.44
C ARG B 302 -9.26 3.38 5.37
N LEU B 303 -8.24 3.23 4.53
CA LEU B 303 -7.24 4.28 4.31
C LEU B 303 -7.85 5.52 3.67
N LEU B 304 -8.86 5.31 2.82
CA LEU B 304 -9.62 6.40 2.22
C LEU B 304 -10.69 6.95 3.15
N ARG B 305 -10.85 6.29 4.30
CA ARG B 305 -11.87 6.65 5.31
C ARG B 305 -13.31 6.49 4.79
N ASN B 306 -13.49 5.56 3.86
CA ASN B 306 -14.81 5.15 3.41
C ASN B 306 -15.27 4.00 4.29
N PHE B 307 -15.80 4.35 5.47
CA PHE B 307 -16.22 3.36 6.45
C PHE B 307 -17.50 2.63 6.05
N SER B 308 -18.24 3.21 5.10
CA SER B 308 -19.42 2.57 4.55
C SER B 308 -19.07 1.25 3.84
N SER B 309 -18.13 1.30 2.91
CA SER B 309 -17.71 0.11 2.17
C SER B 309 -16.82 -0.83 2.97
N VAL B 310 -16.13 -0.30 3.99
CA VAL B 310 -15.40 -1.14 4.93
C VAL B 310 -16.38 -2.13 5.57
N TYR B 311 -17.46 -1.60 6.14
CA TYR B 311 -18.46 -2.43 6.81
C TYR B 311 -19.23 -3.32 5.83
N ALA B 312 -19.46 -2.81 4.62
CA ALA B 312 -20.10 -3.59 3.56
C ALA B 312 -19.33 -4.87 3.26
N VAL B 313 -18.01 -4.73 3.08
CA VAL B 313 -17.14 -5.88 2.82
C VAL B 313 -17.01 -6.79 4.05
N VAL B 314 -16.84 -6.18 5.22
CA VAL B 314 -16.71 -6.92 6.49
C VAL B 314 -17.95 -7.76 6.82
N SER B 315 -19.12 -7.14 6.81
CA SER B 315 -20.38 -7.85 7.09
C SER B 315 -20.63 -8.98 6.10
N ALA B 316 -20.28 -8.75 4.84
CA ALA B 316 -20.38 -9.79 3.81
C ALA B 316 -19.44 -10.97 4.08
N LEU B 317 -18.23 -10.66 4.56
CA LEU B 317 -17.27 -11.71 4.91
C LEU B 317 -17.62 -12.41 6.22
N GLN B 318 -18.32 -11.70 7.11
CA GLN B 318 -18.85 -12.27 8.34
C GLN B 318 -20.20 -12.95 8.15
N SER B 319 -20.80 -12.77 6.96
CA SER B 319 -22.09 -13.36 6.62
C SER B 319 -22.03 -14.88 6.66
N SER B 320 -23.16 -15.51 7.00
CA SER B 320 -23.20 -16.97 7.22
C SER B 320 -22.80 -17.84 6.02
N PRO B 321 -23.14 -17.44 4.78
CA PRO B 321 -22.68 -18.26 3.65
C PRO B 321 -21.19 -18.13 3.34
N ILE B 322 -20.53 -17.11 3.91
CA ILE B 322 -19.10 -16.90 3.71
C ILE B 322 -18.27 -17.36 4.92
N HIS B 323 -18.77 -17.05 6.11
CA HIS B 323 -18.14 -17.48 7.37
C HIS B 323 -18.02 -19.00 7.46
N ARG B 324 -18.96 -19.69 6.82
CA ARG B 324 -19.05 -21.14 6.84
C ARG B 324 -17.97 -21.86 6.00
N LEU B 325 -17.40 -21.15 5.03
CA LEU B 325 -16.42 -21.73 4.11
C LEU B 325 -15.03 -21.86 4.76
N ARG B 326 -14.92 -22.81 5.70
CA ARG B 326 -13.73 -22.96 6.53
C ARG B 326 -12.50 -23.52 5.82
N ALA B 327 -12.72 -24.26 4.73
CA ALA B 327 -11.61 -24.75 3.91
C ALA B 327 -10.98 -23.60 3.12
N ALA B 328 -11.81 -22.63 2.73
CA ALA B 328 -11.35 -21.44 2.03
C ALA B 328 -10.67 -20.45 2.97
N TRP B 329 -11.21 -20.32 4.18
CA TRP B 329 -10.60 -19.50 5.22
C TRP B 329 -9.31 -20.11 5.76
N GLY B 330 -9.22 -21.44 5.69
CA GLY B 330 -8.03 -22.16 6.12
C GLY B 330 -6.85 -22.01 5.17
N GLU B 331 -7.15 -21.65 3.91
CA GLU B 331 -6.12 -21.43 2.90
C GLU B 331 -5.74 -19.95 2.79
N THR B 332 -6.38 -19.10 3.59
CA THR B 332 -6.09 -17.67 3.62
C THR B 332 -4.82 -17.41 4.45
N THR B 333 -3.95 -16.56 3.93
CA THR B 333 -2.67 -16.23 4.57
C THR B 333 -2.87 -15.55 5.93
N ARG B 334 -1.91 -15.77 6.83
CA ARG B 334 -1.98 -15.28 8.21
C ARG B 334 -2.07 -13.75 8.32
N ASP B 335 -1.40 -13.05 7.40
CA ASP B 335 -1.42 -11.59 7.37
C ASP B 335 -2.78 -11.03 6.99
N SER B 336 -3.44 -11.67 6.02
CA SER B 336 -4.78 -11.29 5.59
C SER B 336 -5.79 -11.52 6.71
N LEU B 337 -5.67 -12.65 7.39
CA LEU B 337 -6.55 -12.99 8.52
C LEU B 337 -6.42 -12.00 9.68
N ARG B 338 -5.21 -11.50 9.90
CA ARG B 338 -4.94 -10.54 10.96
C ARG B 338 -5.55 -9.17 10.64
N VAL B 339 -5.42 -8.75 9.38
CA VAL B 339 -6.01 -7.49 8.91
C VAL B 339 -7.54 -7.55 8.98
N PHE B 340 -8.10 -8.66 8.51
CA PHE B 340 -9.54 -8.90 8.56
C PHE B 340 -10.08 -8.86 9.99
N SER B 341 -9.33 -9.43 10.92
CA SER B 341 -9.68 -9.44 12.34
C SER B 341 -9.76 -8.03 12.94
N SER B 342 -8.77 -7.19 12.62
CA SER B 342 -8.73 -5.82 13.12
C SER B 342 -9.74 -4.90 12.40
N LEU B 343 -10.20 -5.32 11.23
CA LEU B 343 -11.28 -4.62 10.53
C LEU B 343 -12.64 -4.96 11.17
N CYS B 344 -12.75 -6.17 11.70
CA CYS B 344 -13.97 -6.63 12.36
C CYS B 344 -14.21 -5.92 13.70
N GLN B 345 -13.13 -5.57 14.40
CA GLN B 345 -13.22 -4.94 15.72
C GLN B 345 -13.59 -3.45 15.65
N ILE B 346 -13.54 -2.87 14.44
CA ILE B 346 -13.98 -1.49 14.21
C ILE B 346 -15.50 -1.39 14.39
N PHE B 347 -16.22 -2.39 13.89
CA PHE B 347 -17.67 -2.44 14.01
C PHE B 347 -18.12 -3.61 14.88
N GLU B 358 -15.97 6.92 18.22
CA GLU B 358 -16.05 6.95 16.75
C GLU B 358 -14.81 7.59 16.14
N LEU B 359 -14.39 7.03 15.00
CA LEU B 359 -13.24 7.56 14.26
C LEU B 359 -13.70 8.51 13.16
N LEU B 360 -14.71 9.31 13.48
CA LEU B 360 -15.27 10.29 12.54
C LEU B 360 -15.00 11.73 13.00
N THR B 361 -13.92 11.90 13.76
CA THR B 361 -13.51 13.20 14.28
C THR B 361 -12.16 13.62 13.69
N GLY B 386 -11.11 13.29 2.56
CA GLY B 386 -12.56 13.07 2.64
C GLY B 386 -12.97 11.97 3.60
N VAL B 387 -14.29 11.80 3.75
CA VAL B 387 -14.85 10.71 4.56
C VAL B 387 -16.15 10.18 3.95
N VAL B 388 -16.44 8.91 4.19
CA VAL B 388 -17.76 8.35 3.96
C VAL B 388 -18.12 7.51 5.18
N PRO B 389 -19.06 8.00 6.01
CA PRO B 389 -19.45 7.22 7.17
C PRO B 389 -20.40 6.09 6.79
N TYR B 390 -20.45 5.05 7.62
CA TYR B 390 -21.49 4.05 7.50
C TYR B 390 -22.77 4.68 8.07
N LEU B 391 -23.74 4.91 7.19
CA LEU B 391 -24.97 5.63 7.53
C LEU B 391 -25.82 4.89 8.57
N GLY B 392 -25.76 3.56 8.53
CA GLY B 392 -26.59 2.70 9.39
C GLY B 392 -26.49 2.98 10.88
N THR B 393 -25.31 3.40 11.33
CA THR B 393 -25.10 3.77 12.73
C THR B 393 -25.91 5.02 13.07
N PHE B 394 -25.87 6.01 12.20
CA PHE B 394 -26.65 7.25 12.37
C PHE B 394 -28.15 6.98 12.30
N LEU B 395 -28.55 6.06 11.41
CA LEU B 395 -29.96 5.69 11.24
C LEU B 395 -30.52 4.98 12.48
N LYS B 396 -29.72 4.10 13.07
CA LYS B 396 -30.12 3.41 14.31
C LYS B 396 -30.20 4.38 15.49
N ASP B 397 -29.25 5.32 15.56
CA ASP B 397 -29.23 6.35 16.60
C ASP B 397 -30.49 7.22 16.55
N LEU B 398 -30.90 7.58 15.33
CA LEU B 398 -32.07 8.44 15.13
C LEU B 398 -33.40 7.73 15.37
N VAL B 399 -33.49 6.45 14.99
CA VAL B 399 -34.68 5.65 15.27
C VAL B 399 -34.87 5.49 16.79
N MET B 400 -33.77 5.21 17.48
CA MET B 400 -33.77 5.08 18.95
C MET B 400 -34.14 6.38 19.66
N LEU B 401 -33.65 7.51 19.12
CA LEU B 401 -33.98 8.83 19.66
C LEU B 401 -35.45 9.17 19.42
N ASP B 402 -35.98 8.73 18.29
CA ASP B 402 -37.40 8.92 17.94
C ASP B 402 -38.31 8.10 18.85
N ALA B 403 -37.88 6.89 19.21
CA ALA B 403 -38.66 6.00 20.06
C ALA B 403 -38.63 6.39 21.54
N ALA B 404 -37.47 6.88 21.99
CA ALA B 404 -37.28 7.26 23.39
C ALA B 404 -37.90 8.62 23.73
N SER B 405 -38.10 9.45 22.72
CA SER B 405 -38.66 10.78 22.91
C SER B 405 -40.01 10.94 22.21
N LYS B 406 -40.98 11.46 22.94
CA LYS B 406 -42.33 11.69 22.41
C LYS B 406 -42.37 12.90 21.47
N ASP B 407 -43.17 12.80 20.42
CA ASP B 407 -43.31 13.88 19.43
C ASP B 407 -43.98 15.11 20.04
N GLU B 408 -45.00 14.86 20.86
CA GLU B 408 -45.80 15.91 21.47
C GLU B 408 -45.97 15.69 22.96
N LEU B 409 -46.09 16.80 23.70
CA LEU B 409 -46.37 16.73 25.14
C LEU B 409 -47.87 16.49 25.37
N GLU B 410 -48.22 16.15 26.61
CA GLU B 410 -49.60 15.83 26.98
C GLU B 410 -50.60 16.95 26.63
N ASN B 411 -50.13 18.20 26.70
CA ASN B 411 -50.96 19.35 26.34
C ASN B 411 -51.01 19.65 24.83
N GLY B 412 -50.41 18.78 24.04
CA GLY B 412 -50.43 18.90 22.59
C GLY B 412 -49.36 19.79 21.97
N TYR B 413 -48.40 20.23 22.79
CA TYR B 413 -47.29 21.04 22.27
C TYR B 413 -46.27 20.16 21.56
N ILE B 414 -45.73 20.65 20.46
CA ILE B 414 -44.60 20.00 19.79
C ILE B 414 -43.40 20.00 20.73
N ASN B 415 -42.87 18.81 21.01
CA ASN B 415 -41.68 18.67 21.84
C ASN B 415 -40.43 19.09 21.08
N PHE B 416 -40.00 20.33 21.29
CA PHE B 416 -38.86 20.86 20.52
C PHE B 416 -37.52 20.34 21.00
N ASP B 417 -37.45 19.87 22.26
CA ASP B 417 -36.26 19.22 22.80
C ASP B 417 -35.81 18.06 21.91
N LYS B 418 -36.78 17.28 21.44
CA LYS B 418 -36.55 16.18 20.51
C LYS B 418 -35.90 16.68 19.22
N ARG B 419 -36.41 17.79 18.70
CA ARG B 419 -35.94 18.35 17.44
C ARG B 419 -34.53 18.95 17.55
N ARG B 420 -34.18 19.41 18.75
CA ARG B 420 -32.82 19.91 19.03
C ARG B 420 -31.81 18.76 18.99
N LYS B 421 -32.16 17.67 19.67
CA LYS B 421 -31.32 16.49 19.71
C LYS B 421 -31.16 15.86 18.33
N GLU B 422 -32.23 15.87 17.55
CA GLU B 422 -32.20 15.42 16.17
C GLU B 422 -31.33 16.32 15.30
N PHE B 423 -31.44 17.64 15.49
CA PHE B 423 -30.64 18.60 14.73
C PHE B 423 -29.15 18.44 15.00
N ALA B 424 -28.79 18.21 16.26
CA ALA B 424 -27.40 17.99 16.65
C ALA B 424 -26.78 16.81 15.90
N ILE B 425 -27.56 15.76 15.66
CA ILE B 425 -27.12 14.61 14.88
C ILE B 425 -27.08 14.93 13.37
N LEU B 426 -28.08 15.68 12.89
CA LEU B 426 -28.12 16.10 11.48
C LEU B 426 -27.00 17.07 11.12
N SER B 427 -26.55 17.84 12.11
CA SER B 427 -25.44 18.77 11.94
C SER B 427 -24.10 18.03 11.79
N GLU B 428 -23.95 16.93 12.54
CA GLU B 428 -22.81 16.04 12.38
C GLU B 428 -22.76 15.47 10.97
N LEU B 429 -23.94 15.15 10.44
CA LEU B 429 -24.12 14.63 9.09
C LEU B 429 -23.71 15.68 8.05
N LEU B 430 -24.14 16.93 8.26
CA LEU B 430 -23.78 18.05 7.39
C LEU B 430 -22.27 18.29 7.41
N ARG B 431 -21.69 18.22 8.61
CA ARG B 431 -20.26 18.41 8.81
C ARG B 431 -19.42 17.34 8.11
N LEU B 432 -19.89 16.09 8.15
CA LEU B 432 -19.23 14.99 7.47
C LEU B 432 -19.35 15.11 5.95
N GLN B 433 -20.50 15.62 5.49
CA GLN B 433 -20.72 15.91 4.07
C GLN B 433 -19.74 16.95 3.54
N LYS B 434 -19.44 17.96 4.35
CA LYS B 434 -18.49 19.01 3.99
C LYS B 434 -17.06 18.50 3.97
N GLU B 435 -16.76 17.54 4.84
CA GLU B 435 -15.45 16.89 4.85
C GLU B 435 -15.33 15.94 3.65
N CYS B 436 -16.44 15.29 3.30
CA CYS B 436 -16.52 14.41 2.13
C CYS B 436 -16.21 15.15 0.83
N ARG B 437 -16.38 16.47 0.85
CA ARG B 437 -16.13 17.33 -0.31
C ARG B 437 -14.66 17.30 -0.72
N GLY B 438 -13.77 17.06 0.24
CA GLY B 438 -12.33 17.07 0.02
C GLY B 438 -11.75 15.88 -0.74
N TYR B 439 -12.62 14.99 -1.21
CA TYR B 439 -12.19 13.87 -2.04
C TYR B 439 -11.77 14.35 -3.43
N ASP B 440 -10.54 14.00 -3.81
CA ASP B 440 -10.06 14.25 -5.17
C ASP B 440 -9.94 12.90 -5.87
N LEU B 441 -11.07 12.43 -6.40
CA LEU B 441 -11.18 11.05 -6.87
C LEU B 441 -11.65 10.98 -8.33
N ARG B 442 -10.92 10.22 -9.13
CA ARG B 442 -11.15 10.15 -10.58
C ARG B 442 -11.89 8.87 -10.99
N PRO B 443 -12.89 9.00 -11.88
CA PRO B 443 -13.64 7.83 -12.35
C PRO B 443 -12.80 6.88 -13.21
N ASN B 444 -13.03 5.59 -13.04
CA ASN B 444 -12.39 4.56 -13.84
C ASN B 444 -13.46 3.77 -14.58
N SER B 445 -13.55 3.99 -15.89
CA SER B 445 -14.59 3.41 -16.74
C SER B 445 -14.63 1.88 -16.70
N ASP B 446 -13.45 1.26 -16.69
CA ASP B 446 -13.32 -0.20 -16.68
C ASP B 446 -13.93 -0.82 -15.42
N ILE B 447 -13.64 -0.23 -14.27
CA ILE B 447 -14.13 -0.70 -12.98
C ILE B 447 -15.62 -0.38 -12.79
N GLN B 448 -16.03 0.82 -13.22
CA GLN B 448 -17.43 1.25 -13.13
C GLN B 448 -18.36 0.37 -13.96
N GLN B 449 -17.89 -0.04 -15.13
CA GLN B 449 -18.65 -0.92 -16.03
C GLN B 449 -18.78 -2.34 -15.48
N TRP B 450 -17.74 -2.79 -14.77
CA TRP B 450 -17.77 -4.08 -14.10
C TRP B 450 -18.75 -4.07 -12.92
N LEU B 451 -18.76 -2.95 -12.19
CA LEU B 451 -19.62 -2.78 -11.03
C LEU B 451 -21.11 -2.72 -11.38
N GLN B 452 -21.45 -2.06 -12.48
CA GLN B 452 -22.85 -1.95 -12.93
C GLN B 452 -23.42 -3.27 -13.44
N GLY B 453 -22.54 -4.15 -13.96
CA GLY B 453 -22.95 -5.42 -14.52
C GLY B 453 -23.13 -6.54 -13.51
N LEU B 454 -22.77 -6.27 -12.25
CA LEU B 454 -22.86 -7.25 -11.18
C LEU B 454 -24.30 -7.52 -10.75
N GLN B 455 -24.65 -8.80 -10.67
CA GLN B 455 -25.98 -9.22 -10.23
C GLN B 455 -25.90 -9.90 -8.86
N PRO B 456 -26.31 -9.18 -7.79
CA PRO B 456 -26.24 -9.70 -6.42
C PRO B 456 -27.15 -10.91 -6.19
N LEU B 457 -26.62 -11.92 -5.50
CA LEU B 457 -27.37 -13.12 -5.18
C LEU B 457 -28.34 -12.89 -4.03
N THR B 458 -29.48 -13.60 -4.06
CA THR B 458 -30.43 -13.58 -2.95
C THR B 458 -29.88 -14.39 -1.78
N GLU B 459 -30.45 -14.18 -0.59
CA GLU B 459 -30.05 -14.92 0.61
C GLU B 459 -30.20 -16.43 0.47
N ALA B 460 -31.21 -16.85 -0.30
CA ALA B 460 -31.45 -18.27 -0.59
C ALA B 460 -30.43 -18.83 -1.58
N GLN B 461 -30.04 -18.00 -2.56
CA GLN B 461 -29.04 -18.38 -3.56
C GLN B 461 -27.66 -18.56 -2.95
N SER B 462 -27.28 -17.63 -2.07
CA SER B 462 -25.97 -17.65 -1.42
C SER B 462 -25.83 -18.82 -0.43
N HIS B 463 -26.93 -19.17 0.21
CA HIS B 463 -26.97 -20.32 1.13
C HIS B 463 -26.78 -21.64 0.39
N ARG B 464 -27.41 -21.76 -0.78
CA ARG B 464 -27.33 -22.98 -1.58
C ARG B 464 -25.92 -23.23 -2.14
N VAL B 465 -25.34 -22.20 -2.74
CA VAL B 465 -24.00 -22.29 -3.34
C VAL B 465 -22.95 -22.58 -2.26
N SER B 466 -23.10 -21.96 -1.09
CA SER B 466 -22.21 -22.21 0.05
C SER B 466 -22.21 -23.69 0.46
N CYS B 467 -23.39 -24.29 0.51
CA CYS B 467 -23.54 -25.71 0.85
C CYS B 467 -23.13 -26.64 -0.29
N GLU B 468 -23.18 -26.14 -1.53
CA GLU B 468 -22.67 -26.88 -2.69
C GLU B 468 -21.13 -26.88 -2.70
N VAL B 469 -20.56 -25.70 -2.47
CA VAL B 469 -19.11 -25.49 -2.47
C VAL B 469 -18.42 -26.27 -1.35
N GLU B 470 -18.88 -26.08 -0.12
CA GLU B 470 -18.34 -26.80 1.03
C GLU B 470 -19.47 -27.45 1.83
N PRO B 471 -19.83 -28.70 1.46
CA PRO B 471 -20.94 -29.45 2.08
C PRO B 471 -20.76 -29.67 3.59
N PRO B 472 -21.88 -29.84 4.32
CA PRO B 472 -21.81 -30.07 5.76
C PRO B 472 -21.22 -31.43 6.11
N GLY B 473 -20.62 -31.54 7.29
CA GLY B 473 -20.00 -32.79 7.75
C GLY B 473 -18.52 -32.85 7.43
#